data_8S4H
#
_entry.id   8S4H
#
_cell.length_a   135.467
_cell.length_b   165.337
_cell.length_c   127.520
_cell.angle_alpha   90.00
_cell.angle_beta   90.00
_cell.angle_gamma   90.00
#
_symmetry.space_group_name_H-M   'C 2 2 21'
#
loop_
_entity.id
_entity.type
_entity.pdbx_description
1 polymer 'scFv-1B6 VH'
2 polymer 'ScFv-1B6 VL'
3 non-polymer rocuronium
4 water water
#
loop_
_entity_poly.entity_id
_entity_poly.type
_entity_poly.pdbx_seq_one_letter_code
_entity_poly.pdbx_strand_id
1 'polypeptide(L)'
;QVHLQQSGAELLRPGTSVKMSCKASGYTFTNYWIGWTKQRPGHGLEWIGDIYPRSGYNNYNEKFKGKATLTADKSSSTAY
MQFSSLTSEDSAIYYCARYYGSWSYYYAMDYWGQGTSVTVSSDDDDKAGWSHPQFEKGGGSGGGSGGGSWSHPQFEK
;
A,C,H
2 'polypeptide(L)'
;DIILTQDELSNPVTSGESVSISCRSSKSLLYKDGKTYLNWFLQRPGQSPQLLIYLMSTRASGVSDRFSGSGSGTDFTLEI
SRVKAEDVGVYYCQQLVEYPYTFGGGTKLEIKGGGGSGGGGSGGGGSGGGGS
;
B,D,L
#
loop_
_chem_comp.id
_chem_comp.type
_chem_comp.name
_chem_comp.formula
RBR non-polymer rocuronium 'C32 H53 N2 O4 1'
#
# COMPACT_ATOMS: atom_id res chain seq x y z
N GLN A 1 -9.12 24.32 -1.21
CA GLN A 1 -7.93 23.40 -1.16
C GLN A 1 -7.07 23.81 0.06
N VAL A 2 -6.34 22.84 0.59
CA VAL A 2 -5.47 23.04 1.75
C VAL A 2 -4.42 24.08 1.34
N HIS A 3 -4.20 25.04 2.21
CA HIS A 3 -3.28 26.14 1.96
C HIS A 3 -2.65 26.59 3.28
N LEU A 4 -1.34 26.73 3.29
CA LEU A 4 -0.60 27.32 4.41
C LEU A 4 0.08 28.59 3.86
N GLN A 5 -0.40 29.74 4.30
CA GLN A 5 0.04 31.04 3.73
C GLN A 5 1.02 31.66 4.74
N GLN A 6 2.28 31.76 4.35
CA GLN A 6 3.31 32.31 5.23
C GLN A 6 3.54 33.80 4.95
N SER A 7 3.97 34.49 5.97
CA SER A 7 4.26 35.95 5.90
C SER A 7 5.49 36.23 5.04
N GLY A 8 5.62 37.52 4.64
CA GLY A 8 6.63 37.95 3.68
C GLY A 8 8.04 38.05 4.23
N ALA A 9 8.96 38.23 3.31
CA ALA A 9 10.40 38.30 3.57
C ALA A 9 10.70 39.41 4.60
N GLU A 10 11.69 39.14 5.43
CA GLU A 10 12.18 40.05 6.51
C GLU A 10 13.67 40.26 6.29
N LEU A 11 14.13 41.48 6.51
CA LEU A 11 15.56 41.83 6.49
C LEU A 11 15.83 42.57 7.80
N LEU A 12 16.62 41.97 8.68
CA LEU A 12 16.73 42.35 10.09
C LEU A 12 18.19 42.41 10.47
N ARG A 13 18.42 43.21 11.51
CA ARG A 13 19.75 43.41 12.09
C ARG A 13 20.02 42.31 13.11
N PRO A 14 21.31 41.96 13.28
CA PRO A 14 21.70 41.02 14.32
C PRO A 14 21.19 41.46 15.69
N GLY A 15 20.81 40.48 16.50
CA GLY A 15 20.31 40.67 17.86
C GLY A 15 18.84 40.99 17.92
N THR A 16 18.19 41.30 16.80
CA THR A 16 16.72 41.53 16.80
C THR A 16 16.01 40.17 16.84
N SER A 17 14.70 40.24 17.02
CA SER A 17 13.73 39.13 17.02
C SER A 17 12.86 39.23 15.76
N VAL A 18 12.36 38.11 15.26
CA VAL A 18 11.34 38.13 14.18
C VAL A 18 10.20 37.23 14.62
N LYS A 19 8.99 37.53 14.22
CA LYS A 19 7.84 36.65 14.44
C LYS A 19 7.14 36.49 13.10
N MET A 20 7.13 35.28 12.57
CA MET A 20 6.55 35.00 11.24
C MET A 20 5.28 34.17 11.44
N SER A 21 4.35 34.25 10.50
CA SER A 21 3.03 33.62 10.59
C SER A 21 2.85 32.57 9.49
N CYS A 22 1.91 31.69 9.75
CA CYS A 22 1.53 30.54 8.90
C CYS A 22 0.03 30.37 9.06
N LYS A 23 -0.73 30.91 8.14
CA LYS A 23 -2.20 30.87 8.21
C LYS A 23 -2.74 29.69 7.43
N ALA A 24 -3.40 28.80 8.16
CA ALA A 24 -3.98 27.57 7.59
C ALA A 24 -5.41 27.76 7.08
N SER A 25 -5.73 27.17 5.95
CA SER A 25 -7.10 27.08 5.45
C SER A 25 -7.31 25.77 4.71
N GLY A 26 -8.56 25.35 4.60
CA GLY A 26 -8.92 24.20 3.73
C GLY A 26 -8.84 22.86 4.46
N TYR A 27 -8.62 22.89 5.78
CA TYR A 27 -8.68 21.73 6.67
C TYR A 27 -8.93 22.23 8.08
N THR A 28 -9.18 21.30 8.99
CA THR A 28 -9.39 21.63 10.42
C THR A 28 -8.06 21.79 11.12
N PHE A 29 -7.70 23.04 11.42
CA PHE A 29 -6.37 23.43 11.94
C PHE A 29 -6.09 22.70 13.25
N THR A 30 -7.11 22.53 14.09
CA THR A 30 -6.93 21.96 15.44
C THR A 30 -6.89 20.43 15.41
N ASN A 31 -6.92 19.78 14.25
CA ASN A 31 -6.88 18.31 14.21
C ASN A 31 -5.48 17.81 13.80
N TYR A 32 -4.51 18.68 13.50
CA TYR A 32 -3.21 18.24 12.91
C TYR A 32 -2.07 19.01 13.56
N TRP A 33 -0.96 18.30 13.69
CA TRP A 33 0.31 18.90 14.07
C TRP A 33 0.78 19.83 12.95
N ILE A 34 1.52 20.85 13.35
CA ILE A 34 2.27 21.76 12.48
C ILE A 34 3.73 21.66 12.87
N GLY A 35 4.63 21.69 11.90
CA GLY A 35 6.06 21.77 12.22
C GLY A 35 6.75 22.80 11.37
N TRP A 36 7.92 23.15 11.78
CA TRP A 36 8.71 24.18 11.09
C TRP A 36 10.08 23.61 10.73
N THR A 37 10.56 24.01 9.58
CA THR A 37 11.80 23.55 8.95
C THR A 37 12.61 24.79 8.56
N LYS A 38 13.92 24.66 8.59
CA LYS A 38 14.88 25.72 8.15
C LYS A 38 15.63 25.21 6.93
N GLN A 39 15.72 26.02 5.90
CA GLN A 39 16.50 25.68 4.70
C GLN A 39 17.50 26.82 4.43
N ARG A 40 18.77 26.55 4.58
CA ARG A 40 19.83 27.43 4.09
C ARG A 40 20.57 26.70 3.00
N PRO A 41 21.06 27.48 2.05
CA PRO A 41 22.08 26.96 1.13
C PRO A 41 23.33 26.23 1.74
N GLY A 42 23.63 25.03 1.29
CA GLY A 42 24.76 24.30 1.90
C GLY A 42 24.34 23.46 3.08
N HIS A 43 23.12 23.64 3.59
CA HIS A 43 22.69 22.92 4.82
C HIS A 43 21.36 22.15 4.59
N GLY A 44 20.82 22.01 3.34
CA GLY A 44 19.57 21.27 3.04
C GLY A 44 18.47 21.69 3.99
N LEU A 45 17.79 20.73 4.61
CA LEU A 45 16.66 20.97 5.51
C LEU A 45 17.02 20.58 6.92
N GLU A 46 16.51 21.34 7.86
CA GLU A 46 16.65 21.07 9.30
C GLU A 46 15.31 21.20 9.99
N TRP A 47 14.99 20.29 10.90
CA TRP A 47 13.74 20.38 11.69
C TRP A 47 13.94 21.31 12.89
N ILE A 48 12.99 22.21 13.11
CA ILE A 48 13.05 23.18 14.24
C ILE A 48 12.18 22.70 15.39
N GLY A 49 10.93 22.39 15.14
CA GLY A 49 9.98 22.05 16.20
C GLY A 49 8.60 21.82 15.67
N ASP A 50 7.77 21.18 16.49
CA ASP A 50 6.37 20.89 16.19
C ASP A 50 5.47 21.52 17.24
N ILE A 51 4.25 21.78 16.83
CA ILE A 51 3.19 22.23 17.77
C ILE A 51 1.91 21.52 17.41
N TYR A 52 1.13 21.14 18.43
CA TYR A 52 -0.23 20.60 18.19
C TYR A 52 -1.20 21.71 18.56
N PRO A 53 -1.77 22.45 17.58
CA PRO A 53 -2.50 23.69 17.90
C PRO A 53 -3.66 23.48 18.89
N ARG A 54 -4.31 22.32 18.86
CA ARG A 54 -5.49 22.14 19.74
C ARG A 54 -5.06 22.29 21.20
N SER A 55 -3.95 21.65 21.59
CA SER A 55 -3.44 21.56 22.98
C SER A 55 -2.40 22.63 23.25
N GLY A 56 -1.70 23.17 22.24
CA GLY A 56 -0.58 24.11 22.43
C GLY A 56 0.74 23.43 22.78
N TYR A 57 0.73 22.10 22.94
CA TYR A 57 1.93 21.26 23.15
C TYR A 57 2.92 21.57 22.02
N ASN A 58 4.12 21.91 22.41
CA ASN A 58 5.20 22.25 21.44
C ASN A 58 6.46 21.56 21.93
N ASN A 59 7.30 21.15 21.01
CA ASN A 59 8.59 20.54 21.34
C ASN A 59 9.57 20.89 20.22
N TYR A 60 10.83 20.84 20.54
CA TYR A 60 11.91 21.50 19.78
C TYR A 60 13.05 20.56 19.56
N ASN A 61 13.69 20.78 18.44
CA ASN A 61 15.06 20.34 18.20
C ASN A 61 15.92 21.03 19.27
N GLU A 62 16.71 20.28 19.99
CA GLU A 62 17.52 20.85 21.10
C GLU A 62 18.31 22.07 20.62
N LYS A 63 18.84 22.05 19.40
CA LYS A 63 19.69 23.14 18.94
C LYS A 63 18.86 24.41 18.68
N PHE A 64 17.54 24.37 18.66
CA PHE A 64 16.72 25.61 18.50
C PHE A 64 15.98 25.94 19.79
N LYS A 65 16.12 25.14 20.85
CA LYS A 65 15.34 25.32 22.10
C LYS A 65 15.61 26.75 22.63
N GLY A 66 16.83 27.25 22.57
CA GLY A 66 17.10 28.66 23.00
C GLY A 66 16.36 29.73 22.19
N LYS A 67 16.12 29.50 20.90
CA LYS A 67 16.03 30.53 19.83
C LYS A 67 14.60 30.65 19.30
N ALA A 68 13.93 29.52 19.10
CA ALA A 68 12.61 29.42 18.47
C ALA A 68 11.53 29.28 19.53
N THR A 69 10.43 29.95 19.30
CA THR A 69 9.21 29.82 20.10
C THR A 69 8.02 29.63 19.17
N LEU A 70 7.33 28.51 19.35
CA LEU A 70 6.14 28.18 18.53
C LEU A 70 4.88 28.44 19.31
N THR A 71 3.94 29.11 18.67
CA THR A 71 2.59 29.34 19.19
C THR A 71 1.56 29.13 18.08
N ALA A 72 0.31 29.01 18.46
CA ALA A 72 -0.79 28.85 17.52
C ALA A 72 -1.99 29.58 18.08
N ASP A 73 -2.67 30.32 17.21
CA ASP A 73 -3.92 31.01 17.55
C ASP A 73 -5.05 30.23 16.89
N LYS A 74 -5.79 29.46 17.68
CA LYS A 74 -6.93 28.63 17.19
C LYS A 74 -7.99 29.52 16.54
N SER A 75 -8.23 30.73 17.05
CA SER A 75 -9.35 31.55 16.54
C SER A 75 -9.05 32.03 15.10
N SER A 76 -7.79 32.27 14.72
CA SER A 76 -7.43 32.75 13.35
C SER A 76 -6.83 31.60 12.51
N SER A 77 -6.71 30.40 13.08
CA SER A 77 -6.04 29.25 12.39
C SER A 77 -4.65 29.66 11.91
N THR A 78 -3.88 30.31 12.78
CA THR A 78 -2.53 30.80 12.45
C THR A 78 -1.52 30.21 13.41
N ALA A 79 -0.48 29.62 12.87
CA ALA A 79 0.74 29.28 13.64
C ALA A 79 1.78 30.37 13.50
N TYR A 80 2.55 30.56 14.55
CA TYR A 80 3.63 31.54 14.59
C TYR A 80 4.92 30.89 15.03
N MET A 81 5.99 31.46 14.51
CA MET A 81 7.33 31.12 14.97
C MET A 81 8.07 32.41 15.23
N GLN A 82 8.54 32.52 16.46
CA GLN A 82 9.41 33.65 16.87
C GLN A 82 10.85 33.16 17.06
N PHE A 83 11.78 33.91 16.47
CA PHE A 83 13.25 33.71 16.58
C PHE A 83 13.82 34.92 17.29
N SER A 84 14.54 34.69 18.36
CA SER A 84 15.19 35.79 19.12
C SER A 84 16.68 35.75 18.80
N SER A 85 17.38 36.85 19.13
CA SER A 85 18.85 36.93 19.09
C SER A 85 19.35 36.56 17.72
N LEU A 86 18.79 37.18 16.68
CA LEU A 86 19.11 36.74 15.31
C LEU A 86 20.59 36.90 15.06
N THR A 87 21.20 35.94 14.36
CA THR A 87 22.58 36.06 13.82
C THR A 87 22.58 35.74 12.34
N SER A 88 23.70 35.93 11.68
CA SER A 88 23.82 35.69 10.23
C SER A 88 23.51 34.21 9.93
N GLU A 89 23.66 33.32 10.90
CA GLU A 89 23.41 31.87 10.68
C GLU A 89 21.91 31.60 10.64
N ASP A 90 21.08 32.56 11.04
CA ASP A 90 19.60 32.44 11.02
C ASP A 90 19.07 32.85 9.63
N SER A 91 19.91 33.34 8.75
CA SER A 91 19.52 33.76 7.37
C SER A 91 19.12 32.49 6.63
N ALA A 92 17.83 32.34 6.31
CA ALA A 92 17.33 31.07 5.78
C ALA A 92 15.92 31.26 5.25
N ILE A 93 15.40 30.25 4.58
CA ILE A 93 13.96 30.17 4.31
C ILE A 93 13.37 29.26 5.38
N TYR A 94 12.29 29.68 5.99
CA TYR A 94 11.59 28.87 7.01
C TYR A 94 10.22 28.44 6.49
N TYR A 95 9.95 27.14 6.60
CA TYR A 95 8.68 26.55 6.21
C TYR A 95 7.88 26.18 7.43
N CYS A 96 6.58 26.35 7.29
CA CYS A 96 5.63 25.63 8.13
C CYS A 96 4.96 24.54 7.27
N ALA A 97 4.50 23.47 7.91
CA ALA A 97 3.81 22.40 7.23
C ALA A 97 2.96 21.63 8.22
N ARG A 98 1.87 21.13 7.73
CA ARG A 98 0.97 20.19 8.44
C ARG A 98 1.54 18.77 8.33
N TYR A 99 1.28 17.96 9.33
CA TYR A 99 1.61 16.53 9.33
C TYR A 99 0.38 15.68 9.11
N TYR A 100 0.55 14.70 8.24
CA TYR A 100 -0.40 13.59 8.05
C TYR A 100 -0.47 12.78 9.35
N GLY A 101 -1.69 12.44 9.75
CA GLY A 101 -1.88 11.59 10.92
C GLY A 101 -2.97 12.15 11.82
N SER A 102 -2.66 12.19 13.10
CA SER A 102 -3.67 12.55 14.12
C SER A 102 -2.94 13.23 15.27
N TRP A 103 -3.46 13.08 16.50
CA TRP A 103 -2.88 13.72 17.71
C TRP A 103 -1.87 12.82 18.37
N SER A 104 -2.10 11.52 18.41
CA SER A 104 -1.23 10.59 19.18
C SER A 104 -0.14 9.99 18.32
N TYR A 105 -0.18 10.29 17.01
CA TYR A 105 0.77 9.75 16.04
C TYR A 105 0.69 10.63 14.79
N TYR A 106 1.82 10.78 14.11
CA TYR A 106 1.87 11.44 12.80
C TYR A 106 3.08 10.91 12.05
N TYR A 107 3.08 11.05 10.73
CA TYR A 107 4.03 10.33 9.88
C TYR A 107 4.92 11.24 9.07
N ALA A 108 4.39 12.36 8.57
CA ALA A 108 5.19 13.18 7.61
C ALA A 108 4.47 14.49 7.34
N MET A 109 5.23 15.50 6.97
CA MET A 109 4.68 16.81 6.54
C MET A 109 4.06 16.66 5.14
N ASP A 110 2.75 16.79 5.07
CA ASP A 110 2.00 16.49 3.84
C ASP A 110 1.62 17.75 3.08
N TYR A 111 1.41 18.86 3.73
CA TYR A 111 1.11 20.12 3.02
C TYR A 111 2.05 21.17 3.61
N TRP A 112 2.68 21.94 2.73
CA TRP A 112 3.74 22.85 3.13
C TRP A 112 3.34 24.28 2.77
N GLY A 113 3.71 25.20 3.63
CA GLY A 113 3.71 26.62 3.26
C GLY A 113 4.70 26.94 2.18
N GLN A 114 4.64 28.19 1.67
CA GLN A 114 5.56 28.61 0.60
C GLN A 114 6.94 29.07 1.09
N GLY A 115 7.15 29.18 2.40
CA GLY A 115 8.43 29.58 2.95
C GLY A 115 8.44 31.10 3.20
N THR A 116 9.06 31.48 4.30
CA THR A 116 9.37 32.90 4.65
C THR A 116 10.86 33.06 4.63
N SER A 117 11.36 34.00 3.84
CA SER A 117 12.78 34.34 3.73
C SER A 117 13.13 35.33 4.84
N VAL A 118 14.06 34.95 5.71
CA VAL A 118 14.67 35.85 6.73
C VAL A 118 16.12 36.07 6.35
N THR A 119 16.51 37.34 6.26
CA THR A 119 17.91 37.70 6.01
C THR A 119 18.38 38.56 7.18
N VAL A 120 19.49 38.17 7.79
CA VAL A 120 20.07 38.90 8.96
C VAL A 120 21.33 39.59 8.45
N SER A 121 21.37 40.91 8.54
CA SER A 121 22.56 41.70 8.06
C SER A 121 22.81 42.93 8.94
N SER A 122 24.08 43.38 9.07
CA SER A 122 24.46 44.64 9.80
C SER A 122 24.84 45.79 8.84
N ASP B 1 22.25 12.03 17.44
CA ASP B 1 21.28 12.30 16.38
C ASP B 1 21.49 11.25 15.29
N ILE B 2 20.42 10.82 14.67
CA ILE B 2 20.50 9.89 13.52
C ILE B 2 20.96 10.66 12.30
N ILE B 3 21.98 10.13 11.64
CA ILE B 3 22.55 10.74 10.43
C ILE B 3 21.97 9.97 9.23
N LEU B 4 21.39 10.71 8.28
CA LEU B 4 20.94 10.14 7.01
C LEU B 4 21.85 10.62 5.92
N THR B 5 22.41 9.74 5.14
CA THR B 5 23.40 10.02 4.10
C THR B 5 22.81 9.80 2.72
N GLN B 6 22.92 10.83 1.89
CA GLN B 6 22.53 10.77 0.47
C GLN B 6 23.65 11.36 -0.38
N ASP B 7 23.80 10.88 -1.57
CA ASP B 7 24.77 11.45 -2.54
C ASP B 7 24.24 12.83 -2.95
N GLU B 8 25.12 13.79 -3.14
CA GLU B 8 24.66 15.14 -3.54
C GLU B 8 24.03 15.08 -4.92
N LEU B 9 24.55 14.32 -5.84
CA LEU B 9 24.10 14.31 -7.24
C LEU B 9 23.69 12.90 -7.64
N SER B 10 22.59 12.73 -8.37
CA SER B 10 22.23 11.42 -8.99
C SER B 10 23.14 11.16 -10.18
N VAL B 13 20.50 11.40 -16.29
CA VAL B 13 19.38 10.55 -16.83
C VAL B 13 18.61 11.21 -17.99
N THR B 14 18.13 10.40 -18.91
CA THR B 14 17.23 10.78 -20.02
C THR B 14 15.80 10.60 -19.60
N SER B 15 14.93 11.43 -20.14
CA SER B 15 13.50 11.30 -19.93
C SER B 15 13.02 9.90 -20.31
N GLY B 16 12.24 9.26 -19.44
CA GLY B 16 11.65 7.93 -19.64
C GLY B 16 12.47 6.81 -19.01
N GLU B 17 13.70 7.09 -18.65
CA GLU B 17 14.59 6.12 -17.97
C GLU B 17 14.06 5.94 -16.56
N SER B 18 14.54 4.90 -15.91
CA SER B 18 14.26 4.73 -14.48
C SER B 18 15.48 5.13 -13.65
N VAL B 19 15.24 5.64 -12.45
CA VAL B 19 16.32 6.00 -11.53
C VAL B 19 15.95 5.60 -10.12
N SER B 20 16.93 5.49 -9.27
CA SER B 20 16.64 5.34 -7.83
C SER B 20 17.53 6.26 -7.04
N ILE B 21 17.05 6.67 -5.88
CA ILE B 21 17.74 7.54 -4.91
C ILE B 21 18.00 6.67 -3.68
N SER B 22 19.23 6.67 -3.20
CA SER B 22 19.68 5.93 -2.00
C SER B 22 19.67 6.84 -0.78
N CYS B 23 19.29 6.31 0.39
CA CYS B 23 19.39 6.99 1.68
C CYS B 23 19.93 5.98 2.68
N ARG B 24 21.06 6.25 3.31
CA ARG B 24 21.69 5.33 4.29
C ARG B 24 21.56 5.93 5.66
N SER B 25 21.01 5.18 6.61
CA SER B 25 20.81 5.66 7.99
C SER B 25 21.98 5.17 8.88
N SER B 26 22.37 5.94 9.87
CA SER B 26 23.42 5.53 10.86
C SER B 26 22.85 4.50 11.85
N LYS B 27 21.53 4.34 11.93
CA LYS B 27 20.84 3.53 12.96
C LYS B 27 19.57 2.97 12.29
N SER B 28 19.04 1.88 12.82
CA SER B 28 17.74 1.35 12.36
C SER B 28 16.65 2.39 12.55
N LEU B 29 15.75 2.49 11.59
CA LEU B 29 14.62 3.42 11.70
C LEU B 29 13.32 2.69 12.04
N LEU B 30 13.43 1.40 12.31
CA LEU B 30 12.27 0.59 12.78
C LEU B 30 11.92 0.96 14.22
N TYR B 31 10.68 1.27 14.45
CA TYR B 31 10.14 1.57 15.78
C TYR B 31 9.49 0.30 16.35
N LYS B 32 9.23 0.35 17.66
CA LYS B 32 8.73 -0.84 18.43
C LYS B 32 7.37 -1.25 17.88
N ASP B 33 6.63 -0.38 17.17
CA ASP B 33 5.32 -0.69 16.55
C ASP B 33 5.47 -1.43 15.23
N GLY B 34 6.70 -1.79 14.81
CA GLY B 34 6.90 -2.47 13.53
C GLY B 34 6.89 -1.53 12.30
N LYS B 35 6.72 -0.24 12.52
CA LYS B 35 6.71 0.77 11.43
C LYS B 35 8.10 1.38 11.28
N THR B 36 8.45 1.79 10.06
CA THR B 36 9.73 2.43 9.78
C THR B 36 9.44 3.89 9.42
N TYR B 37 9.86 4.83 10.26
CA TYR B 37 9.47 6.24 10.13
C TYR B 37 10.49 6.94 9.21
N LEU B 38 10.46 6.59 7.93
CA LEU B 38 11.33 7.18 6.88
C LEU B 38 10.41 7.79 5.83
N ASN B 39 10.70 9.03 5.47
CA ASN B 39 9.96 9.84 4.50
C ASN B 39 10.83 10.23 3.32
N TRP B 40 10.20 10.36 2.16
CA TRP B 40 10.83 10.94 0.96
C TRP B 40 10.05 12.16 0.53
N PHE B 41 10.80 13.22 0.22
CA PHE B 41 10.24 14.49 -0.32
C PHE B 41 10.97 14.81 -1.61
N LEU B 42 10.24 15.48 -2.51
CA LEU B 42 10.84 16.09 -3.71
C LEU B 42 10.72 17.60 -3.53
N GLN B 43 11.81 18.32 -3.74
CA GLN B 43 11.76 19.80 -3.82
C GLN B 43 12.08 20.19 -5.22
N ARG B 44 11.05 20.56 -5.97
CA ARG B 44 11.25 21.00 -7.37
C ARG B 44 11.90 22.39 -7.36
N PRO B 45 12.53 22.80 -8.45
CA PRO B 45 13.30 24.05 -8.46
C PRO B 45 12.46 25.24 -8.00
N GLY B 46 12.98 25.88 -6.97
CA GLY B 46 12.40 27.13 -6.41
C GLY B 46 11.06 26.93 -5.76
N GLN B 47 10.66 25.71 -5.38
CA GLN B 47 9.36 25.39 -4.74
C GLN B 47 9.61 24.87 -3.33
N SER B 48 8.55 24.72 -2.57
CA SER B 48 8.59 24.06 -1.26
C SER B 48 8.77 22.56 -1.50
N PRO B 49 9.30 21.84 -0.50
CA PRO B 49 9.26 20.39 -0.57
C PRO B 49 7.84 19.85 -0.65
N GLN B 50 7.69 18.73 -1.34
CA GLN B 50 6.43 17.98 -1.39
C GLN B 50 6.67 16.53 -0.95
N LEU B 51 5.70 16.00 -0.26
CA LEU B 51 5.77 14.63 0.28
C LEU B 51 5.55 13.64 -0.85
N LEU B 52 6.35 12.56 -0.85
CA LEU B 52 6.17 11.45 -1.81
C LEU B 52 5.75 10.20 -1.05
N ILE B 53 6.55 9.84 -0.05
CA ILE B 53 6.47 8.52 0.61
C ILE B 53 6.56 8.75 2.11
N TYR B 54 5.75 8.03 2.91
CA TYR B 54 5.91 8.02 4.36
C TYR B 54 5.91 6.55 4.82
N LEU B 55 6.30 6.34 6.05
CA LEU B 55 6.46 4.99 6.67
C LEU B 55 7.24 4.11 5.72
N MET B 56 8.29 4.67 5.07
CA MET B 56 9.28 3.95 4.24
C MET B 56 8.72 3.56 2.87
N SER B 57 7.49 3.06 2.79
CA SER B 57 6.95 2.46 1.56
C SER B 57 5.50 2.84 1.25
N THR B 58 4.88 3.79 1.97
CA THR B 58 3.50 4.21 1.67
C THR B 58 3.52 5.44 0.79
N ARG B 59 2.97 5.31 -0.41
CA ARG B 59 2.81 6.43 -1.32
C ARG B 59 1.75 7.39 -0.82
N ALA B 60 2.08 8.66 -0.72
CA ALA B 60 1.16 9.68 -0.23
C ALA B 60 0.01 9.88 -1.26
N SER B 61 -1.12 10.34 -0.78
CA SER B 61 -2.29 10.60 -1.66
C SER B 61 -1.90 11.62 -2.73
N GLY B 62 -2.25 11.36 -3.98
CA GLY B 62 -2.00 12.27 -5.12
C GLY B 62 -0.63 12.05 -5.76
N VAL B 63 0.20 11.18 -5.17
CA VAL B 63 1.54 10.92 -5.74
C VAL B 63 1.43 9.84 -6.79
N SER B 64 2.11 10.08 -7.91
CA SER B 64 2.18 9.13 -9.03
C SER B 64 2.69 7.76 -8.60
N ASP B 65 2.08 6.67 -9.10
CA ASP B 65 2.59 5.31 -8.82
C ASP B 65 3.92 5.03 -9.52
N ARG B 66 4.49 5.99 -10.25
CA ARG B 66 5.90 5.89 -10.72
C ARG B 66 6.87 5.85 -9.55
N PHE B 67 6.51 6.46 -8.42
CA PHE B 67 7.34 6.54 -7.21
C PHE B 67 7.01 5.37 -6.29
N SER B 68 8.03 4.71 -5.79
CA SER B 68 7.85 3.70 -4.73
C SER B 68 9.03 3.73 -3.80
N GLY B 69 8.77 3.34 -2.57
CA GLY B 69 9.81 3.30 -1.55
C GLY B 69 10.02 1.91 -0.98
N SER B 70 11.26 1.60 -0.68
CA SER B 70 11.61 0.33 -0.02
C SER B 70 12.78 0.54 0.92
N GLY B 71 13.11 -0.47 1.72
CA GLY B 71 14.33 -0.45 2.48
C GLY B 71 14.46 -1.67 3.36
N SER B 72 15.59 -1.76 4.00
CA SER B 72 15.95 -2.92 4.83
C SER B 72 17.13 -2.52 5.64
N GLY B 73 17.03 -2.72 6.96
CA GLY B 73 18.11 -2.33 7.89
C GLY B 73 18.34 -0.82 7.82
N THR B 74 19.50 -0.43 7.35
CA THR B 74 19.82 1.00 7.34
C THR B 74 19.86 1.51 5.90
N ASP B 75 19.40 0.75 4.92
CA ASP B 75 19.46 1.19 3.50
C ASP B 75 18.03 1.39 2.98
N PHE B 76 17.76 2.54 2.41
CA PHE B 76 16.44 2.89 1.87
C PHE B 76 16.60 3.34 0.44
N THR B 77 15.54 3.14 -0.33
CA THR B 77 15.58 3.36 -1.77
C THR B 77 14.28 4.01 -2.19
N LEU B 78 14.38 5.09 -2.94
CA LEU B 78 13.25 5.63 -3.73
C LEU B 78 13.42 5.24 -5.19
N GLU B 79 12.47 4.50 -5.71
CA GLU B 79 12.47 4.07 -7.12
C GLU B 79 11.57 5.02 -7.90
N ILE B 80 12.06 5.51 -9.00
CA ILE B 80 11.25 6.33 -9.94
C ILE B 80 11.21 5.64 -11.30
N SER B 81 10.05 5.14 -11.69
CA SER B 81 9.84 4.57 -13.06
C SER B 81 9.68 5.78 -14.00
N ARG B 82 10.13 5.68 -15.21
CA ARG B 82 9.73 6.55 -16.33
C ARG B 82 9.86 8.00 -15.83
N VAL B 83 11.09 8.46 -15.67
CA VAL B 83 11.39 9.84 -15.18
C VAL B 83 10.83 10.87 -16.18
N LYS B 84 10.18 11.90 -15.65
CA LYS B 84 9.55 13.01 -16.41
C LYS B 84 10.20 14.31 -15.97
N ALA B 85 10.04 15.37 -16.79
CA ALA B 85 10.53 16.71 -16.46
C ALA B 85 10.08 17.14 -15.08
N GLU B 86 8.84 16.86 -14.69
CA GLU B 86 8.31 17.31 -13.38
C GLU B 86 9.04 16.62 -12.21
N ASP B 87 9.89 15.63 -12.46
CA ASP B 87 10.58 14.90 -11.36
C ASP B 87 11.93 15.56 -11.06
N VAL B 88 12.34 16.55 -11.84
CA VAL B 88 13.61 17.28 -11.63
C VAL B 88 13.53 18.05 -10.32
N GLY B 89 14.61 17.97 -9.54
CA GLY B 89 14.72 18.68 -8.26
C GLY B 89 15.63 17.96 -7.31
N VAL B 90 15.41 18.21 -6.05
CA VAL B 90 16.25 17.60 -5.00
C VAL B 90 15.34 16.68 -4.19
N TYR B 91 15.81 15.46 -3.95
CA TYR B 91 15.08 14.44 -3.18
C TYR B 91 15.72 14.32 -1.81
N TYR B 92 14.91 14.46 -0.78
CA TYR B 92 15.35 14.38 0.61
C TYR B 92 14.70 13.16 1.26
N CYS B 93 15.50 12.40 1.99
CA CYS B 93 14.93 11.45 2.98
C CYS B 93 14.88 12.11 4.33
N GLN B 94 14.05 11.58 5.24
CA GLN B 94 13.91 12.15 6.58
C GLN B 94 13.46 11.05 7.54
N GLN B 95 13.94 11.09 8.76
CA GLN B 95 13.49 10.10 9.77
C GLN B 95 12.74 10.82 10.88
N LEU B 96 11.69 10.18 11.39
CA LEU B 96 10.88 10.68 12.50
C LEU B 96 10.89 9.66 13.68
N VAL B 97 11.81 8.73 13.69
CA VAL B 97 11.78 7.68 14.75
C VAL B 97 12.38 8.20 16.05
N GLU B 98 13.31 9.15 15.98
CA GLU B 98 14.04 9.71 17.15
C GLU B 98 14.11 11.23 17.07
N TYR B 99 14.00 11.92 18.20
CA TYR B 99 14.36 13.33 18.27
C TYR B 99 15.86 13.47 18.28
N PRO B 100 16.42 14.50 17.61
CA PRO B 100 15.66 15.37 16.72
C PRO B 100 15.39 14.69 15.38
N TYR B 101 14.26 15.05 14.76
CA TYR B 101 14.00 14.60 13.37
C TYR B 101 15.12 15.15 12.53
N THR B 102 15.59 14.35 11.58
CA THR B 102 16.74 14.70 10.74
C THR B 102 16.46 14.34 9.29
N PHE B 103 17.07 15.09 8.38
CA PHE B 103 17.01 14.90 6.93
C PHE B 103 18.37 14.46 6.40
N GLY B 104 18.33 13.69 5.30
CA GLY B 104 19.46 13.51 4.41
C GLY B 104 19.83 14.81 3.74
N GLY B 105 21.01 14.88 3.16
CA GLY B 105 21.54 16.12 2.57
C GLY B 105 20.88 16.48 1.25
N GLY B 106 20.10 15.60 0.68
CA GLY B 106 19.40 15.79 -0.61
C GLY B 106 20.21 15.25 -1.76
N THR B 107 19.54 14.70 -2.73
CA THR B 107 20.13 14.22 -3.98
C THR B 107 19.48 14.97 -5.13
N LYS B 108 20.29 15.64 -5.93
CA LYS B 108 19.80 16.41 -7.11
C LYS B 108 19.65 15.52 -8.30
N LEU B 109 18.47 15.57 -8.90
CA LEU B 109 18.14 14.88 -10.15
C LEU B 109 17.92 15.92 -11.24
N GLU B 110 18.65 15.73 -12.33
CA GLU B 110 18.56 16.55 -13.56
C GLU B 110 18.37 15.60 -14.72
N ILE B 111 17.70 16.08 -15.75
CA ILE B 111 17.53 15.33 -17.04
C ILE B 111 18.49 15.94 -18.06
N LYS B 112 19.18 15.16 -18.89
CA LYS B 112 20.19 15.76 -19.84
C LYS B 112 19.53 16.18 -21.16
N GLN C 1 -19.69 -7.09 -12.71
CA GLN C 1 -20.61 -8.26 -12.85
C GLN C 1 -20.77 -9.00 -11.52
N VAL C 2 -19.93 -8.74 -10.50
CA VAL C 2 -20.18 -9.30 -9.13
C VAL C 2 -21.54 -8.74 -8.66
N HIS C 3 -22.45 -9.59 -8.20
CA HIS C 3 -23.79 -9.11 -7.80
C HIS C 3 -24.28 -10.01 -6.66
N LEU C 4 -24.82 -9.39 -5.62
CA LEU C 4 -25.56 -10.11 -4.56
C LEU C 4 -27.01 -9.59 -4.59
N GLN C 5 -27.93 -10.46 -4.99
CA GLN C 5 -29.33 -10.07 -5.24
C GLN C 5 -30.16 -10.57 -4.03
N GLN C 6 -30.61 -9.63 -3.23
CA GLN C 6 -31.40 -9.93 -2.01
C GLN C 6 -32.88 -9.98 -2.38
N SER C 7 -33.63 -10.78 -1.63
CA SER C 7 -35.10 -10.87 -1.77
C SER C 7 -35.78 -9.55 -1.40
N GLY C 8 -37.05 -9.43 -1.80
CA GLY C 8 -37.79 -8.16 -1.64
C GLY C 8 -38.24 -7.88 -0.20
N ALA C 9 -38.80 -6.71 -0.06
CA ALA C 9 -39.30 -6.10 1.20
C ALA C 9 -40.32 -7.04 1.84
N GLU C 10 -40.26 -7.14 3.16
CA GLU C 10 -41.17 -8.04 3.92
C GLU C 10 -41.96 -7.17 4.89
N LEU C 11 -43.25 -7.42 5.00
CA LEU C 11 -44.09 -6.74 6.01
C LEU C 11 -44.83 -7.81 6.78
N LEU C 12 -44.48 -7.97 8.05
CA LEU C 12 -44.79 -9.18 8.80
C LEU C 12 -45.33 -8.80 10.18
N ARG C 13 -46.06 -9.72 10.76
CA ARG C 13 -46.67 -9.50 12.08
C ARG C 13 -45.71 -10.02 13.14
N PRO C 14 -45.81 -9.49 14.36
CA PRO C 14 -45.00 -9.98 15.47
C PRO C 14 -45.21 -11.47 15.75
N GLY C 15 -44.13 -12.10 16.16
CA GLY C 15 -44.10 -13.53 16.52
C GLY C 15 -43.92 -14.43 15.32
N THR C 16 -43.91 -13.88 14.11
CA THR C 16 -43.66 -14.72 12.90
C THR C 16 -42.16 -14.87 12.65
N SER C 17 -41.86 -15.70 11.65
CA SER C 17 -40.51 -16.04 11.15
C SER C 17 -40.36 -15.48 9.75
N VAL C 18 -39.12 -15.16 9.35
CA VAL C 18 -38.84 -14.66 7.97
C VAL C 18 -37.54 -15.36 7.55
N LYS C 19 -37.49 -15.78 6.31
CA LYS C 19 -36.27 -16.33 5.68
C LYS C 19 -36.00 -15.44 4.47
N MET C 20 -34.85 -14.76 4.44
CA MET C 20 -34.53 -13.85 3.32
C MET C 20 -33.28 -14.44 2.61
N SER C 21 -33.14 -14.10 1.35
CA SER C 21 -32.18 -14.79 0.47
C SER C 21 -31.21 -13.74 -0.13
N CYS C 22 -30.10 -14.26 -0.62
CA CYS C 22 -28.98 -13.46 -1.14
C CYS C 22 -28.30 -14.34 -2.20
N LYS C 23 -28.61 -14.07 -3.45
CA LYS C 23 -28.15 -14.88 -4.60
C LYS C 23 -26.88 -14.23 -5.17
N ALA C 24 -25.80 -15.00 -5.16
CA ALA C 24 -24.46 -14.50 -5.56
C ALA C 24 -24.22 -14.82 -7.03
N SER C 25 -23.76 -13.85 -7.81
CA SER C 25 -23.27 -14.14 -9.18
C SER C 25 -21.98 -13.34 -9.42
N GLY C 26 -21.23 -13.73 -10.45
CA GLY C 26 -20.09 -12.91 -10.89
C GLY C 26 -18.81 -13.25 -10.14
N TYR C 27 -18.77 -14.28 -9.31
CA TYR C 27 -17.59 -14.72 -8.55
C TYR C 27 -17.82 -16.14 -8.11
N THR C 28 -16.82 -16.84 -7.60
CA THR C 28 -16.99 -18.22 -7.10
C THR C 28 -17.56 -18.17 -5.67
N PHE C 29 -18.86 -18.42 -5.54
CA PHE C 29 -19.60 -18.38 -4.24
C PHE C 29 -18.89 -19.18 -3.17
N THR C 30 -18.36 -20.34 -3.49
CA THR C 30 -17.72 -21.26 -2.49
C THR C 30 -16.25 -20.92 -2.22
N ASN C 31 -15.74 -19.78 -2.68
CA ASN C 31 -14.35 -19.42 -2.31
C ASN C 31 -14.33 -18.27 -1.29
N TYR C 32 -15.49 -17.75 -0.87
CA TYR C 32 -15.50 -16.52 -0.04
C TYR C 32 -16.51 -16.64 1.10
N TRP C 33 -16.17 -16.02 2.22
CA TRP C 33 -17.12 -15.80 3.32
C TRP C 33 -18.24 -14.85 2.90
N ILE C 34 -19.41 -15.03 3.50
CA ILE C 34 -20.60 -14.15 3.36
C ILE C 34 -21.02 -13.80 4.79
N GLY C 35 -21.35 -12.54 4.99
CA GLY C 35 -21.89 -12.12 6.29
C GLY C 35 -23.12 -11.26 6.15
N TRP C 36 -23.78 -11.06 7.28
CA TRP C 36 -25.02 -10.29 7.30
C TRP C 36 -24.91 -9.18 8.35
N THR C 37 -25.51 -8.06 7.99
CA THR C 37 -25.53 -6.81 8.74
C THR C 37 -26.97 -6.34 8.91
N LYS C 38 -27.24 -5.71 10.05
CA LYS C 38 -28.53 -5.06 10.39
C LYS C 38 -28.37 -3.54 10.46
N GLN C 39 -29.25 -2.83 9.82
CA GLN C 39 -29.25 -1.36 9.83
C GLN C 39 -30.65 -0.90 10.20
N ARG C 40 -30.78 -0.55 11.45
CA ARG C 40 -32.01 -0.01 12.03
C ARG C 40 -31.81 1.48 12.08
N PRO C 41 -32.82 2.28 11.67
CA PRO C 41 -32.78 3.73 11.96
C PRO C 41 -32.39 3.97 13.44
N GLY C 42 -31.38 4.81 13.67
CA GLY C 42 -30.95 5.17 15.04
C GLY C 42 -29.90 4.24 15.61
N HIS C 43 -29.54 3.14 14.95
CA HIS C 43 -28.61 2.17 15.57
C HIS C 43 -27.43 1.84 14.64
N GLY C 44 -27.17 2.67 13.58
CA GLY C 44 -26.01 2.50 12.67
C GLY C 44 -26.01 1.09 12.09
N LEU C 45 -24.86 0.40 12.10
CA LEU C 45 -24.72 -0.96 11.53
C LEU C 45 -24.39 -1.93 12.65
N GLU C 46 -24.89 -3.15 12.55
CA GLU C 46 -24.62 -4.21 13.50
C GLU C 46 -24.31 -5.50 12.75
N TRP C 47 -23.31 -6.25 13.18
CA TRP C 47 -22.94 -7.54 12.57
C TRP C 47 -23.88 -8.63 13.15
N ILE C 48 -24.42 -9.45 12.27
CA ILE C 48 -25.23 -10.63 12.71
C ILE C 48 -24.41 -11.91 12.80
N GLY C 49 -23.79 -12.27 11.68
CA GLY C 49 -23.00 -13.48 11.62
C GLY C 49 -22.45 -13.68 10.23
N ASP C 50 -21.55 -14.65 10.15
CA ASP C 50 -20.87 -15.03 8.90
C ASP C 50 -21.11 -16.51 8.64
N ILE C 51 -21.05 -16.84 7.36
CA ILE C 51 -21.00 -18.26 6.93
C ILE C 51 -19.92 -18.41 5.83
N TYR C 52 -19.28 -19.57 5.79
CA TYR C 52 -18.38 -19.96 4.66
C TYR C 52 -19.13 -21.02 3.86
N PRO C 53 -19.76 -20.66 2.74
CA PRO C 53 -20.69 -21.51 2.02
C PRO C 53 -20.13 -22.90 1.66
N ARG C 54 -18.86 -22.98 1.30
CA ARG C 54 -18.28 -24.29 0.93
C ARG C 54 -18.42 -25.29 2.07
N SER C 55 -18.15 -24.92 3.32
CA SER C 55 -18.11 -25.87 4.46
C SER C 55 -19.44 -25.84 5.24
N GLY C 56 -20.18 -24.73 5.13
CA GLY C 56 -21.38 -24.44 5.95
C GLY C 56 -21.05 -23.93 7.34
N TYR C 57 -19.77 -23.76 7.68
CA TYR C 57 -19.30 -23.20 8.98
C TYR C 57 -19.94 -21.82 9.13
N ASN C 58 -20.61 -21.61 10.26
CA ASN C 58 -21.29 -20.31 10.45
C ASN C 58 -20.87 -19.86 11.85
N ASN C 59 -20.91 -18.58 12.09
CA ASN C 59 -20.82 -18.12 13.48
C ASN C 59 -21.48 -16.75 13.61
N TYR C 60 -21.77 -16.43 14.87
CA TYR C 60 -22.79 -15.43 15.20
C TYR C 60 -22.23 -14.41 16.18
N ASN C 61 -22.74 -13.21 16.05
CA ASN C 61 -22.79 -12.23 17.14
C ASN C 61 -23.58 -12.90 18.29
N GLU C 62 -22.98 -13.00 19.45
CA GLU C 62 -23.56 -13.63 20.67
C GLU C 62 -25.03 -13.21 20.75
N LYS C 63 -25.33 -11.95 20.61
CA LYS C 63 -26.72 -11.48 20.85
C LYS C 63 -27.72 -11.98 19.81
N PHE C 64 -27.28 -12.50 18.68
CA PHE C 64 -28.22 -13.04 17.64
C PHE C 64 -28.27 -14.56 17.72
N LYS C 65 -27.43 -15.16 18.55
CA LYS C 65 -27.48 -16.63 18.70
C LYS C 65 -28.83 -16.99 19.33
N GLY C 66 -29.59 -17.84 18.65
CA GLY C 66 -30.94 -18.21 19.13
C GLY C 66 -31.99 -17.46 18.38
N LYS C 67 -31.61 -16.44 17.61
CA LYS C 67 -32.54 -15.58 16.88
C LYS C 67 -32.37 -15.77 15.37
N ALA C 68 -31.11 -15.71 14.92
CA ALA C 68 -30.76 -15.74 13.50
C ALA C 68 -30.24 -17.13 13.17
N THR C 69 -30.56 -17.59 11.99
CA THR C 69 -29.98 -18.86 11.45
C THR C 69 -29.49 -18.59 10.04
N LEU C 70 -28.19 -18.86 9.83
CA LEU C 70 -27.55 -18.69 8.51
C LEU C 70 -27.34 -20.07 7.88
N THR C 71 -27.72 -20.12 6.63
CA THR C 71 -27.46 -21.28 5.76
C THR C 71 -27.01 -20.81 4.39
N ALA C 72 -26.51 -21.76 3.58
CA ALA C 72 -26.12 -21.49 2.19
C ALA C 72 -26.38 -22.74 1.35
N ASP C 73 -26.92 -22.53 0.16
CA ASP C 73 -27.17 -23.60 -0.83
C ASP C 73 -26.10 -23.42 -1.92
N LYS C 74 -25.06 -24.23 -1.86
CA LYS C 74 -23.96 -24.23 -2.88
C LYS C 74 -24.56 -24.39 -4.28
N SER C 75 -25.58 -25.22 -4.45
CA SER C 75 -26.07 -25.59 -5.81
C SER C 75 -26.70 -24.36 -6.45
N SER C 76 -27.31 -23.44 -5.70
CA SER C 76 -27.99 -22.25 -6.29
C SER C 76 -27.19 -20.96 -6.01
N SER C 77 -26.02 -21.06 -5.36
CA SER C 77 -25.17 -19.87 -5.01
C SER C 77 -25.97 -18.90 -4.13
N THR C 78 -26.78 -19.42 -3.19
CA THR C 78 -27.70 -18.55 -2.43
C THR C 78 -27.41 -18.70 -0.95
N ALA C 79 -27.30 -17.58 -0.25
CA ALA C 79 -27.18 -17.57 1.21
C ALA C 79 -28.57 -17.14 1.76
N TYR C 80 -28.91 -17.70 2.91
CA TYR C 80 -30.19 -17.39 3.57
C TYR C 80 -29.94 -16.94 4.99
N MET C 81 -30.85 -16.07 5.45
CA MET C 81 -30.89 -15.75 6.87
C MET C 81 -32.36 -15.83 7.34
N GLN C 82 -32.55 -16.54 8.42
CA GLN C 82 -33.89 -16.77 9.00
C GLN C 82 -33.89 -16.12 10.38
N PHE C 83 -34.97 -15.42 10.71
CA PHE C 83 -35.25 -14.88 12.06
C PHE C 83 -36.54 -15.50 12.55
N SER C 84 -36.50 -15.88 13.82
CA SER C 84 -37.69 -16.32 14.58
C SER C 84 -38.21 -15.18 15.49
N SER C 85 -39.43 -15.35 16.01
CA SER C 85 -40.02 -14.44 17.03
C SER C 85 -39.78 -12.98 16.66
N LEU C 86 -40.30 -12.56 15.49
CA LEU C 86 -40.10 -11.18 15.02
C LEU C 86 -40.78 -10.20 15.97
N THR C 87 -40.10 -9.10 16.25
CA THR C 87 -40.64 -7.98 17.00
C THR C 87 -40.34 -6.69 16.26
N SER C 88 -40.88 -5.60 16.77
CA SER C 88 -40.64 -4.24 16.23
C SER C 88 -39.15 -3.89 16.26
N GLU C 89 -38.37 -4.50 17.14
CA GLU C 89 -36.91 -4.25 17.18
C GLU C 89 -36.18 -4.87 15.98
N ASP C 90 -36.86 -5.68 15.19
CA ASP C 90 -36.30 -6.37 14.01
C ASP C 90 -36.59 -5.56 12.75
N SER C 91 -37.39 -4.52 12.84
CA SER C 91 -37.70 -3.63 11.71
C SER C 91 -36.36 -2.93 11.35
N ALA C 92 -35.88 -3.19 10.15
CA ALA C 92 -34.52 -2.74 9.76
C ALA C 92 -34.29 -3.11 8.30
N ILE C 93 -33.18 -2.63 7.74
CA ILE C 93 -32.63 -3.18 6.47
C ILE C 93 -31.54 -4.18 6.83
N TYR C 94 -31.54 -5.32 6.16
CA TYR C 94 -30.61 -6.42 6.39
C TYR C 94 -29.80 -6.55 5.09
N TYR C 95 -28.46 -6.50 5.19
CA TYR C 95 -27.57 -6.69 4.02
C TYR C 95 -26.86 -8.02 4.13
N CYS C 96 -26.60 -8.64 2.97
CA CYS C 96 -25.59 -9.70 2.87
C CYS C 96 -24.41 -9.05 2.13
N ALA C 97 -23.24 -9.58 2.39
CA ALA C 97 -21.99 -9.10 1.70
C ALA C 97 -20.94 -10.20 1.74
N ARG C 98 -20.12 -10.25 0.69
CA ARG C 98 -18.97 -11.14 0.59
C ARG C 98 -17.80 -10.46 1.29
N TYR C 99 -16.87 -11.23 1.80
CA TYR C 99 -15.63 -10.66 2.38
C TYR C 99 -14.46 -10.91 1.43
N TYR C 100 -13.62 -9.89 1.38
CA TYR C 100 -12.29 -9.98 0.76
C TYR C 100 -11.43 -10.92 1.54
N GLY C 101 -10.69 -11.78 0.83
CA GLY C 101 -9.73 -12.66 1.47
C GLY C 101 -9.90 -14.08 0.96
N SER C 102 -9.97 -15.02 1.89
CA SER C 102 -9.87 -16.46 1.59
C SER C 102 -10.68 -17.26 2.63
N TRP C 103 -10.32 -18.51 2.86
CA TRP C 103 -11.03 -19.40 3.81
C TRP C 103 -10.43 -19.28 5.21
N SER C 104 -9.11 -19.16 5.38
CA SER C 104 -8.44 -19.15 6.70
C SER C 104 -8.25 -17.75 7.28
N TYR C 105 -8.54 -16.75 6.47
CA TYR C 105 -8.43 -15.33 6.85
C TYR C 105 -9.35 -14.52 5.95
N TYR C 106 -9.91 -13.45 6.49
CA TYR C 106 -10.69 -12.49 5.69
C TYR C 106 -10.65 -11.15 6.38
N TYR C 107 -10.87 -10.09 5.63
CA TYR C 107 -10.56 -8.73 6.11
C TYR C 107 -11.74 -7.79 6.21
N ALA C 108 -12.68 -7.76 5.26
CA ALA C 108 -13.73 -6.76 5.17
C ALA C 108 -14.72 -7.14 4.09
N MET C 109 -15.98 -6.72 4.27
CA MET C 109 -17.04 -6.88 3.31
C MET C 109 -16.80 -5.96 2.10
N ASP C 110 -16.49 -6.60 0.97
CA ASP C 110 -16.15 -5.81 -0.24
C ASP C 110 -17.31 -5.69 -1.23
N TYR C 111 -18.17 -6.69 -1.42
CA TYR C 111 -19.30 -6.50 -2.31
C TYR C 111 -20.58 -6.73 -1.46
N TRP C 112 -21.50 -5.83 -1.62
CA TRP C 112 -22.73 -5.81 -0.76
C TRP C 112 -23.97 -6.03 -1.63
N GLY C 113 -24.97 -6.72 -1.08
CA GLY C 113 -26.32 -6.70 -1.65
C GLY C 113 -26.98 -5.37 -1.47
N GLN C 114 -28.18 -5.24 -2.05
CA GLN C 114 -28.93 -3.96 -2.06
C GLN C 114 -29.77 -3.85 -0.77
N GLY C 115 -29.80 -4.89 0.04
CA GLY C 115 -30.52 -4.84 1.34
C GLY C 115 -31.94 -5.39 1.18
N THR C 116 -32.43 -6.07 2.22
CA THR C 116 -33.86 -6.46 2.39
C THR C 116 -34.47 -5.66 3.54
N SER C 117 -35.52 -4.90 3.22
CA SER C 117 -36.31 -4.13 4.23
C SER C 117 -37.30 -5.07 4.93
N VAL C 118 -37.20 -5.18 6.25
CA VAL C 118 -38.16 -5.98 7.06
C VAL C 118 -38.90 -4.97 7.95
N THR C 119 -40.24 -4.97 7.87
CA THR C 119 -41.08 -4.14 8.76
C THR C 119 -41.99 -5.08 9.56
N VAL C 120 -41.88 -5.04 10.88
CA VAL C 120 -42.75 -5.84 11.79
C VAL C 120 -43.75 -4.88 12.40
N SER C 121 -45.04 -5.17 12.21
CA SER C 121 -46.15 -4.25 12.61
C SER C 121 -47.36 -5.09 13.06
N SER C 122 -48.10 -4.63 14.09
CA SER C 122 -49.35 -5.24 14.64
C SER C 122 -50.56 -4.33 14.42
N ASP D 1 -17.55 -6.55 24.66
CA ASP D 1 -17.44 -6.23 23.23
C ASP D 1 -16.48 -5.05 23.06
N ILE D 2 -15.76 -4.99 21.95
CA ILE D 2 -14.98 -3.76 21.64
C ILE D 2 -15.93 -2.67 21.21
N ILE D 3 -15.75 -1.50 21.80
CA ILE D 3 -16.50 -0.28 21.46
C ILE D 3 -15.62 0.64 20.62
N LEU D 4 -16.17 1.03 19.49
CA LEU D 4 -15.57 1.98 18.53
C LEU D 4 -16.35 3.28 18.65
N THR D 5 -15.65 4.36 18.95
CA THR D 5 -16.23 5.71 19.10
C THR D 5 -15.74 6.65 18.02
N GLN D 6 -16.65 7.25 17.27
CA GLN D 6 -16.37 8.21 16.20
C GLN D 6 -16.74 9.62 16.68
N ASP D 7 -16.09 10.64 16.12
CA ASP D 7 -16.41 12.05 16.40
C ASP D 7 -17.25 12.61 15.26
N GLU D 8 -18.06 13.61 15.56
CA GLU D 8 -18.80 14.40 14.55
C GLU D 8 -17.81 15.37 13.86
N LEU D 9 -18.10 15.76 12.63
CA LEU D 9 -17.38 16.87 11.94
C LEU D 9 -17.88 18.25 12.40
N VAL D 13 -19.07 21.06 5.39
CA VAL D 13 -17.71 20.99 4.76
C VAL D 13 -17.75 21.60 3.36
N THR D 14 -16.68 22.30 2.93
CA THR D 14 -16.63 22.97 1.61
C THR D 14 -15.93 22.07 0.61
N SER D 15 -16.43 21.91 -0.61
CA SER D 15 -15.83 20.94 -1.55
C SER D 15 -14.42 21.40 -1.89
N GLY D 16 -13.49 20.46 -2.06
CA GLY D 16 -12.07 20.74 -2.31
C GLY D 16 -11.25 20.78 -1.03
N GLU D 17 -11.89 20.89 0.12
CA GLU D 17 -11.18 20.85 1.42
C GLU D 17 -10.75 19.43 1.78
N SER D 18 -9.85 19.33 2.74
CA SER D 18 -9.44 18.06 3.34
C SER D 18 -10.28 17.85 4.61
N VAL D 19 -10.67 16.61 4.84
CA VAL D 19 -11.36 16.28 6.12
C VAL D 19 -10.79 14.96 6.61
N SER D 20 -10.88 14.77 7.91
CA SER D 20 -10.54 13.46 8.46
C SER D 20 -11.70 12.99 9.35
N ILE D 21 -11.85 11.67 9.41
CA ILE D 21 -12.81 10.98 10.31
C ILE D 21 -11.97 10.27 11.35
N SER D 22 -12.34 10.41 12.62
CA SER D 22 -11.66 9.76 13.75
C SER D 22 -12.50 8.58 14.27
N CYS D 23 -11.80 7.57 14.67
CA CYS D 23 -12.36 6.37 15.34
C CYS D 23 -11.39 5.92 16.42
N ARG D 24 -11.89 5.62 17.63
CA ARG D 24 -11.09 5.20 18.78
C ARG D 24 -11.66 3.88 19.26
N SER D 25 -10.77 2.96 19.56
CA SER D 25 -11.14 1.61 19.98
C SER D 25 -10.97 1.49 21.50
N SER D 26 -11.83 0.72 22.17
CA SER D 26 -11.72 0.46 23.63
C SER D 26 -10.56 -0.51 23.89
N LYS D 27 -10.07 -1.20 22.87
CA LYS D 27 -9.02 -2.21 23.00
C LYS D 27 -8.15 -2.14 21.74
N SER D 28 -6.95 -2.69 21.84
CA SER D 28 -6.05 -2.89 20.67
C SER D 28 -6.75 -3.65 19.56
N LEU D 29 -6.60 -3.22 18.31
CA LEU D 29 -7.10 -4.01 17.15
C LEU D 29 -5.96 -4.75 16.44
N LEU D 30 -4.77 -4.78 17.07
CA LEU D 30 -3.59 -5.50 16.51
C LEU D 30 -3.73 -6.95 16.88
N TYR D 31 -3.72 -7.81 15.89
CA TYR D 31 -3.76 -9.25 16.14
C TYR D 31 -2.33 -9.79 16.17
N LYS D 32 -2.20 -11.01 16.67
CA LYS D 32 -0.89 -11.70 16.85
C LYS D 32 -0.22 -11.94 15.49
N ASP D 33 -0.87 -11.74 14.36
CA ASP D 33 -0.25 -11.90 13.02
C ASP D 33 0.35 -10.55 12.60
N GLY D 34 0.33 -9.53 13.47
CA GLY D 34 0.88 -8.21 13.17
C GLY D 34 -0.05 -7.33 12.33
N LYS D 35 -1.25 -7.79 12.00
CA LYS D 35 -2.22 -7.01 11.17
C LYS D 35 -3.23 -6.36 12.11
N THR D 36 -3.71 -5.19 11.76
CA THR D 36 -4.71 -4.45 12.54
C THR D 36 -6.03 -4.52 11.78
N TYR D 37 -7.04 -5.20 12.37
CA TYR D 37 -8.29 -5.52 11.66
C TYR D 37 -9.33 -4.38 11.81
N LEU D 38 -9.07 -3.26 11.18
CA LEU D 38 -9.88 -2.04 11.25
C LEU D 38 -10.25 -1.66 9.83
N ASN D 39 -11.54 -1.52 9.57
CA ASN D 39 -12.13 -1.17 8.28
C ASN D 39 -12.76 0.20 8.31
N TRP D 40 -12.86 0.79 7.14
CA TRP D 40 -13.63 2.03 6.89
C TRP D 40 -14.56 1.80 5.73
N PHE D 41 -15.81 2.17 5.95
CA PHE D 41 -16.92 2.20 4.97
C PHE D 41 -17.51 3.58 4.83
N LEU D 42 -17.99 3.86 3.63
CA LEU D 42 -18.87 4.99 3.30
C LEU D 42 -20.24 4.46 2.93
N GLN D 43 -21.30 4.95 3.59
CA GLN D 43 -22.67 4.69 3.13
C GLN D 43 -23.28 5.98 2.61
N ARG D 44 -23.38 6.08 1.29
CA ARG D 44 -24.00 7.23 0.61
C ARG D 44 -25.51 7.17 0.87
N PRO D 45 -26.21 8.32 0.83
CA PRO D 45 -27.66 8.31 1.07
C PRO D 45 -28.39 7.28 0.18
N GLY D 46 -29.19 6.41 0.78
CA GLY D 46 -30.03 5.45 0.03
C GLY D 46 -29.24 4.30 -0.56
N GLN D 47 -27.96 4.13 -0.20
CA GLN D 47 -27.09 3.10 -0.80
C GLN D 47 -26.69 2.10 0.28
N SER D 48 -26.21 0.96 -0.16
CA SER D 48 -25.46 0.01 0.65
C SER D 48 -24.13 0.64 1.03
N PRO D 49 -23.54 0.19 2.15
CA PRO D 49 -22.19 0.60 2.50
C PRO D 49 -21.21 0.20 1.41
N GLN D 50 -20.15 1.00 1.25
CA GLN D 50 -19.03 0.71 0.31
C GLN D 50 -17.73 0.62 1.13
N LEU D 51 -16.94 -0.42 0.90
CA LEU D 51 -15.63 -0.60 1.54
C LEU D 51 -14.64 0.45 0.98
N LEU D 52 -13.95 1.13 1.87
CA LEU D 52 -12.86 2.08 1.48
C LEU D 52 -11.48 1.52 1.84
N ILE D 53 -11.30 1.08 3.08
CA ILE D 53 -10.01 0.70 3.68
C ILE D 53 -10.20 -0.58 4.47
N TYR D 54 -9.28 -1.51 4.34
CA TYR D 54 -9.18 -2.64 5.27
C TYR D 54 -7.78 -2.75 5.84
N LEU D 55 -7.64 -3.60 6.84
CA LEU D 55 -6.38 -3.81 7.61
C LEU D 55 -5.80 -2.43 7.97
N MET D 56 -6.65 -1.47 8.33
CA MET D 56 -6.33 -0.14 8.90
C MET D 56 -5.82 0.84 7.83
N SER D 57 -5.02 0.38 6.86
CA SER D 57 -4.36 1.32 5.94
C SER D 57 -4.35 0.78 4.52
N THR D 58 -4.94 -0.37 4.22
CA THR D 58 -4.99 -0.85 2.81
C THR D 58 -6.19 -0.26 2.08
N ARG D 59 -5.93 0.53 1.04
CA ARG D 59 -6.99 1.03 0.17
C ARG D 59 -7.59 -0.08 -0.68
N ALA D 60 -8.91 -0.22 -0.67
CA ALA D 60 -9.56 -1.32 -1.41
C ALA D 60 -9.50 -1.05 -2.92
N SER D 61 -9.57 -2.10 -3.71
CA SER D 61 -9.59 -2.04 -5.19
C SER D 61 -10.72 -1.13 -5.68
N GLY D 62 -10.42 -0.18 -6.54
CA GLY D 62 -11.42 0.75 -7.13
C GLY D 62 -11.66 1.99 -6.28
N VAL D 63 -11.07 2.11 -5.09
CA VAL D 63 -11.26 3.30 -4.24
C VAL D 63 -10.26 4.40 -4.67
N SER D 64 -10.75 5.63 -4.72
CA SER D 64 -9.95 6.83 -5.02
C SER D 64 -8.75 6.92 -4.07
N ASP D 65 -7.58 7.32 -4.58
CA ASP D 65 -6.42 7.58 -3.68
C ASP D 65 -6.60 8.88 -2.92
N ARG D 66 -7.73 9.57 -3.07
CA ARG D 66 -8.08 10.65 -2.11
C ARG D 66 -8.35 10.10 -0.69
N PHE D 67 -8.66 8.81 -0.56
CA PHE D 67 -8.93 8.19 0.76
C PHE D 67 -7.69 7.49 1.22
N SER D 68 -7.32 7.69 2.48
CA SER D 68 -6.23 6.91 3.07
C SER D 68 -6.50 6.68 4.55
N GLY D 69 -6.08 5.52 5.05
CA GLY D 69 -6.27 5.18 6.46
C GLY D 69 -4.98 5.08 7.20
N SER D 70 -5.03 5.43 8.48
CA SER D 70 -3.85 5.31 9.36
C SER D 70 -4.32 5.01 10.77
N GLY D 71 -3.38 4.66 11.62
CA GLY D 71 -3.73 4.53 13.04
C GLY D 71 -2.55 4.08 13.83
N SER D 72 -2.71 4.14 15.15
CA SER D 72 -1.61 3.86 16.10
C SER D 72 -2.23 3.59 17.47
N GLY D 73 -1.89 2.44 18.08
CA GLY D 73 -2.63 1.96 19.27
C GLY D 73 -4.11 1.85 18.92
N THR D 74 -4.95 2.58 19.64
CA THR D 74 -6.41 2.48 19.54
C THR D 74 -6.99 3.70 18.87
N ASP D 75 -6.18 4.49 18.17
CA ASP D 75 -6.64 5.71 17.46
C ASP D 75 -6.46 5.47 15.97
N PHE D 76 -7.51 5.69 15.21
CA PHE D 76 -7.60 5.48 13.75
C PHE D 76 -8.13 6.72 13.08
N THR D 77 -7.65 6.95 11.85
CA THR D 77 -8.05 8.14 11.11
C THR D 77 -8.30 7.73 9.66
N LEU D 78 -9.36 8.25 9.07
CA LEU D 78 -9.57 8.22 7.62
C LEU D 78 -9.34 9.64 7.14
N GLU D 79 -8.36 9.81 6.26
CA GLU D 79 -8.07 11.13 5.63
C GLU D 79 -8.71 11.13 4.25
N ILE D 80 -9.41 12.21 3.94
CA ILE D 80 -10.09 12.45 2.65
C ILE D 80 -9.51 13.73 2.06
N SER D 81 -8.68 13.60 1.04
CA SER D 81 -8.14 14.76 0.29
C SER D 81 -9.26 15.27 -0.62
N ARG D 82 -9.38 16.56 -0.74
CA ARG D 82 -10.17 17.14 -1.86
C ARG D 82 -11.57 16.52 -1.86
N VAL D 83 -12.36 16.79 -0.83
CA VAL D 83 -13.72 16.21 -0.71
C VAL D 83 -14.57 16.66 -1.90
N LYS D 84 -15.38 15.75 -2.37
CA LYS D 84 -16.31 15.91 -3.52
C LYS D 84 -17.72 15.56 -3.06
N ALA D 85 -18.70 15.94 -3.87
CA ALA D 85 -20.14 15.67 -3.62
C ALA D 85 -20.34 14.16 -3.46
N GLU D 86 -19.58 13.34 -4.18
CA GLU D 86 -19.75 11.87 -4.14
C GLU D 86 -19.30 11.31 -2.79
N ASP D 87 -18.58 12.08 -1.96
CA ASP D 87 -18.09 11.61 -0.63
C ASP D 87 -19.17 11.81 0.45
N VAL D 88 -20.28 12.45 0.10
CA VAL D 88 -21.36 12.72 1.09
C VAL D 88 -21.99 11.42 1.56
N GLY D 89 -22.16 11.30 2.87
CA GLY D 89 -22.83 10.13 3.46
C GLY D 89 -22.39 9.94 4.86
N VAL D 90 -22.45 8.71 5.34
CA VAL D 90 -22.01 8.36 6.69
C VAL D 90 -20.81 7.40 6.58
N TYR D 91 -19.76 7.72 7.31
CA TYR D 91 -18.52 6.94 7.41
C TYR D 91 -18.58 6.10 8.68
N TYR D 92 -18.28 4.82 8.53
CA TYR D 92 -18.22 3.89 9.67
C TYR D 92 -16.86 3.22 9.71
N CYS D 93 -16.32 3.13 10.90
CA CYS D 93 -15.19 2.23 11.18
C CYS D 93 -15.76 0.91 11.70
N GLN D 94 -14.99 -0.14 11.59
CA GLN D 94 -15.41 -1.50 12.00
C GLN D 94 -14.21 -2.31 12.42
N GLN D 95 -14.35 -3.11 13.45
CA GLN D 95 -13.24 -3.96 13.89
C GLN D 95 -13.62 -5.42 13.65
N LEU D 96 -12.64 -6.21 13.22
CA LEU D 96 -12.79 -7.68 12.98
C LEU D 96 -11.78 -8.50 13.81
N VAL D 97 -11.17 -7.92 14.83
CA VAL D 97 -10.14 -8.61 15.62
C VAL D 97 -10.75 -9.55 16.66
N GLU D 98 -11.98 -9.29 17.08
CA GLU D 98 -12.61 -9.98 18.23
C GLU D 98 -14.11 -10.12 17.98
N TYR D 99 -14.67 -11.26 18.32
CA TYR D 99 -16.13 -11.44 18.24
C TYR D 99 -16.73 -10.75 19.46
N PRO D 100 -17.87 -10.09 19.33
CA PRO D 100 -18.50 -9.84 18.04
C PRO D 100 -17.81 -8.70 17.29
N TYR D 101 -17.80 -8.82 15.97
CA TYR D 101 -17.40 -7.67 15.12
C TYR D 101 -18.31 -6.50 15.48
N THR D 102 -17.77 -5.27 15.54
CA THR D 102 -18.53 -4.07 15.94
C THR D 102 -18.15 -2.89 15.08
N PHE D 103 -19.10 -2.02 14.91
CA PHE D 103 -18.99 -0.81 14.09
C PHE D 103 -18.93 0.36 15.03
N GLY D 104 -18.25 1.42 14.62
CA GLY D 104 -18.48 2.72 15.26
C GLY D 104 -19.89 3.23 14.95
N GLY D 105 -20.26 4.33 15.61
CA GLY D 105 -21.60 4.88 15.48
C GLY D 105 -21.80 5.64 14.21
N GLY D 106 -20.74 5.92 13.44
CA GLY D 106 -20.93 6.67 12.20
C GLY D 106 -20.57 8.13 12.34
N THR D 107 -20.04 8.69 11.26
CA THR D 107 -19.80 10.14 11.16
C THR D 107 -20.38 10.63 9.86
N LYS D 108 -21.30 11.60 9.96
CA LYS D 108 -21.97 12.16 8.79
C LYS D 108 -21.10 13.21 8.13
N LEU D 109 -21.00 13.17 6.82
CA LEU D 109 -20.31 14.21 6.03
C LEU D 109 -21.35 14.81 5.10
N GLU D 110 -21.54 16.12 5.26
CA GLU D 110 -22.35 16.96 4.35
C GLU D 110 -21.41 18.00 3.71
N ILE D 111 -21.76 18.47 2.53
CA ILE D 111 -20.96 19.38 1.68
C ILE D 111 -21.80 20.64 1.43
N LYS D 112 -21.27 21.87 1.52
CA LYS D 112 -22.15 23.09 1.47
C LYS D 112 -22.32 23.58 0.04
N GLN E 1 13.49 4.06 -22.02
CA GLN E 1 12.61 3.12 -21.23
C GLN E 1 13.55 1.96 -20.86
N VAL E 2 13.25 1.36 -19.73
CA VAL E 2 14.02 0.21 -19.22
C VAL E 2 13.90 -0.89 -20.27
N HIS E 3 15.01 -1.53 -20.61
CA HIS E 3 14.96 -2.59 -21.62
C HIS E 3 16.06 -3.58 -21.28
N LEU E 4 15.74 -4.86 -21.36
CA LEU E 4 16.73 -5.93 -21.31
C LEU E 4 16.63 -6.70 -22.64
N GLN E 5 17.67 -6.57 -23.45
CA GLN E 5 17.70 -7.10 -24.83
C GLN E 5 18.47 -8.41 -24.76
N GLN E 6 17.79 -9.53 -24.99
CA GLN E 6 18.49 -10.83 -24.96
C GLN E 6 18.92 -11.20 -26.40
N SER E 7 19.94 -12.00 -26.45
CA SER E 7 20.53 -12.49 -27.72
C SER E 7 19.57 -13.49 -28.39
N GLY E 8 19.82 -13.74 -29.69
CA GLY E 8 18.86 -14.45 -30.52
C GLY E 8 18.85 -15.95 -30.29
N ALA E 9 17.86 -16.58 -30.89
CA ALA E 9 17.57 -18.02 -30.73
C ALA E 9 18.79 -18.82 -31.15
N GLU E 10 19.02 -19.93 -30.49
CA GLU E 10 20.17 -20.81 -30.75
C GLU E 10 19.64 -22.19 -31.11
N LEU E 11 20.33 -22.86 -32.02
CA LEU E 11 20.02 -24.26 -32.41
C LEU E 11 21.35 -24.97 -32.36
N LEU E 12 21.53 -25.83 -31.39
CA LEU E 12 22.85 -26.37 -31.08
C LEU E 12 22.83 -27.89 -31.00
N ARG E 13 24.01 -28.48 -31.17
CA ARG E 13 24.14 -29.94 -31.02
C ARG E 13 24.42 -30.29 -29.57
N PRO E 14 24.08 -31.51 -29.19
CA PRO E 14 24.37 -31.97 -27.84
C PRO E 14 25.87 -31.98 -27.53
N GLY E 15 26.20 -31.65 -26.30
CA GLY E 15 27.57 -31.69 -25.78
C GLY E 15 28.29 -30.35 -25.97
N THR E 16 27.72 -29.43 -26.74
CA THR E 16 28.30 -28.08 -26.97
C THR E 16 28.01 -27.17 -25.78
N SER E 17 28.52 -25.95 -25.89
CA SER E 17 28.34 -24.89 -24.85
C SER E 17 27.61 -23.74 -25.52
N VAL E 18 26.88 -22.93 -24.75
CA VAL E 18 26.25 -21.73 -25.33
C VAL E 18 26.45 -20.59 -24.33
N LYS E 19 26.68 -19.40 -24.82
CA LYS E 19 26.76 -18.18 -23.95
C LYS E 19 25.77 -17.20 -24.49
N MET E 20 24.79 -16.82 -23.70
CA MET E 20 23.72 -15.93 -24.14
C MET E 20 23.82 -14.62 -23.33
N SER E 21 23.34 -13.53 -23.92
CA SER E 21 23.60 -12.19 -23.39
C SER E 21 22.25 -11.55 -23.03
N CYS E 22 22.36 -10.55 -22.18
CA CYS E 22 21.23 -9.75 -21.68
C CYS E 22 21.73 -8.31 -21.50
N LYS E 23 21.47 -7.46 -22.48
CA LYS E 23 22.01 -6.09 -22.49
C LYS E 23 20.95 -5.15 -21.89
N ALA E 24 21.34 -4.46 -20.83
CA ALA E 24 20.47 -3.57 -20.06
C ALA E 24 20.58 -2.14 -20.58
N SER E 25 19.48 -1.44 -20.70
CA SER E 25 19.50 0.00 -20.97
C SER E 25 18.34 0.65 -20.25
N GLY E 26 18.43 1.98 -20.05
CA GLY E 26 17.28 2.68 -19.46
C GLY E 26 17.25 2.66 -17.93
N TYR E 27 18.29 2.19 -17.26
CA TYR E 27 18.43 2.25 -15.79
C TYR E 27 19.89 1.98 -15.47
N THR E 28 20.26 2.18 -14.22
CA THR E 28 21.62 1.98 -13.76
C THR E 28 21.88 0.49 -13.52
N PHE E 29 22.48 -0.16 -14.51
CA PHE E 29 22.69 -1.63 -14.48
C PHE E 29 23.35 -2.07 -13.20
N THR E 30 24.34 -1.36 -12.70
CA THR E 30 25.15 -1.77 -11.52
C THR E 30 24.40 -1.54 -10.19
N ASN E 31 23.18 -1.02 -10.19
CA ASN E 31 22.46 -0.78 -8.92
C ASN E 31 21.46 -1.92 -8.64
N TYR E 32 21.31 -2.92 -9.49
CA TYR E 32 20.23 -3.93 -9.34
C TYR E 32 20.74 -5.33 -9.60
N TRP E 33 20.23 -6.29 -8.83
CA TRP E 33 20.43 -7.73 -9.14
C TRP E 33 19.78 -8.07 -10.48
N ILE E 34 20.37 -9.08 -11.12
CA ILE E 34 19.86 -9.78 -12.30
C ILE E 34 19.67 -11.23 -11.96
N GLY E 35 18.61 -11.82 -12.46
CA GLY E 35 18.40 -13.28 -12.30
C GLY E 35 17.97 -13.91 -13.60
N TRP E 36 18.17 -15.22 -13.69
CA TRP E 36 17.81 -15.97 -14.89
C TRP E 36 16.80 -17.09 -14.53
N THR E 37 15.89 -17.28 -15.46
CA THR E 37 14.77 -18.25 -15.33
C THR E 37 14.79 -19.17 -16.56
N LYS E 38 14.40 -20.42 -16.33
CA LYS E 38 14.20 -21.42 -17.43
C LYS E 38 12.71 -21.77 -17.56
N GLN E 39 12.22 -21.73 -18.79
CA GLN E 39 10.83 -22.12 -19.09
C GLN E 39 10.87 -23.18 -20.21
N ARG E 40 10.67 -24.40 -19.81
CA ARG E 40 10.59 -25.60 -20.66
C ARG E 40 9.11 -25.88 -20.80
N PRO E 41 8.55 -26.13 -22.00
CA PRO E 41 7.15 -26.61 -22.02
C PRO E 41 6.93 -27.81 -21.06
N GLY E 42 5.88 -27.72 -20.24
CA GLY E 42 5.50 -28.77 -19.28
C GLY E 42 6.17 -28.57 -17.93
N HIS E 43 7.00 -27.54 -17.75
CA HIS E 43 7.74 -27.43 -16.46
C HIS E 43 7.65 -25.99 -15.88
N GLY E 44 6.65 -25.16 -16.33
CA GLY E 44 6.40 -23.79 -15.77
C GLY E 44 7.73 -23.00 -15.75
N LEU E 45 8.05 -22.35 -14.63
CA LEU E 45 9.25 -21.48 -14.47
C LEU E 45 10.16 -22.09 -13.43
N GLU E 46 11.47 -22.03 -13.68
CA GLU E 46 12.46 -22.50 -12.73
C GLU E 46 13.54 -21.44 -12.57
N TRP E 47 13.93 -21.19 -11.37
CA TRP E 47 15.01 -20.21 -11.10
C TRP E 47 16.36 -20.89 -11.32
N ILE E 48 17.26 -20.24 -12.06
CA ILE E 48 18.61 -20.75 -12.28
C ILE E 48 19.58 -20.14 -11.28
N GLY E 49 19.61 -18.81 -11.23
CA GLY E 49 20.55 -18.14 -10.35
C GLY E 49 20.48 -16.62 -10.52
N ASP E 50 21.15 -15.96 -9.58
CA ASP E 50 21.19 -14.50 -9.49
C ASP E 50 22.65 -14.03 -9.54
N ILE E 51 22.83 -12.80 -10.00
CA ILE E 51 24.14 -12.14 -9.98
C ILE E 51 23.92 -10.66 -9.62
N TYR E 52 24.83 -10.11 -8.83
CA TYR E 52 24.85 -8.66 -8.59
C TYR E 52 25.98 -8.08 -9.45
N PRO E 53 25.62 -7.48 -10.59
CA PRO E 53 26.64 -7.15 -11.58
C PRO E 53 27.80 -6.29 -11.09
N ARG E 54 27.54 -5.39 -10.16
CA ARG E 54 28.57 -4.46 -9.66
C ARG E 54 29.72 -5.25 -9.03
N SER E 55 29.43 -6.27 -8.20
CA SER E 55 30.44 -7.05 -7.45
C SER E 55 30.78 -8.35 -8.19
N GLY E 56 29.89 -8.86 -9.04
CA GLY E 56 30.02 -10.15 -9.72
C GLY E 56 29.59 -11.29 -8.82
N TYR E 57 29.13 -10.99 -7.63
CA TYR E 57 28.67 -12.03 -6.67
C TYR E 57 27.54 -12.79 -7.36
N ASN E 58 27.59 -14.14 -7.32
CA ASN E 58 26.58 -14.93 -8.08
C ASN E 58 26.28 -16.15 -7.24
N ASN E 59 25.02 -16.51 -7.24
CA ASN E 59 24.58 -17.74 -6.54
C ASN E 59 23.48 -18.44 -7.31
N TYR E 60 23.40 -19.72 -7.04
CA TYR E 60 22.69 -20.62 -7.97
C TYR E 60 21.67 -21.47 -7.23
N ASN E 61 20.68 -21.86 -7.97
CA ASN E 61 19.86 -23.06 -7.66
C ASN E 61 20.84 -24.22 -7.66
N GLU E 62 20.89 -24.97 -6.57
CA GLU E 62 21.80 -26.11 -6.41
C GLU E 62 21.84 -26.97 -7.68
N LYS E 63 20.71 -27.25 -8.31
CA LYS E 63 20.72 -28.22 -9.44
C LYS E 63 21.40 -27.64 -10.67
N PHE E 64 21.64 -26.31 -10.71
CA PHE E 64 22.34 -25.69 -11.85
C PHE E 64 23.79 -25.39 -11.52
N LYS E 65 24.26 -25.64 -10.31
CA LYS E 65 25.65 -25.42 -9.97
C LYS E 65 26.46 -26.46 -10.72
N GLY E 66 27.44 -26.02 -11.49
CA GLY E 66 28.27 -26.89 -12.33
C GLY E 66 27.79 -26.93 -13.75
N LYS E 67 26.63 -26.39 -14.04
CA LYS E 67 26.01 -26.38 -15.36
C LYS E 67 25.99 -24.97 -15.91
N ALA E 68 25.43 -24.05 -15.11
CA ALA E 68 25.21 -22.64 -15.53
C ALA E 68 26.30 -21.78 -14.90
N THR E 69 26.80 -20.82 -15.65
CA THR E 69 27.76 -19.82 -15.11
C THR E 69 27.25 -18.45 -15.46
N LEU E 70 26.96 -17.64 -14.44
CA LEU E 70 26.45 -16.28 -14.62
C LEU E 70 27.61 -15.28 -14.45
N THR E 71 27.69 -14.34 -15.38
CA THR E 71 28.75 -13.33 -15.35
C THR E 71 28.13 -12.01 -15.76
N ALA E 72 28.89 -10.91 -15.58
CA ALA E 72 28.39 -9.62 -16.04
C ALA E 72 29.58 -8.71 -16.42
N ASP E 73 29.29 -7.74 -17.26
CA ASP E 73 30.27 -6.73 -17.73
C ASP E 73 29.65 -5.37 -17.45
N LYS E 74 30.13 -4.72 -16.42
CA LYS E 74 29.57 -3.41 -16.10
C LYS E 74 30.00 -2.38 -17.14
N SER E 75 31.03 -2.63 -17.92
CA SER E 75 31.45 -1.64 -18.92
C SER E 75 30.50 -1.66 -20.10
N SER E 76 29.82 -2.75 -20.40
CA SER E 76 28.85 -2.80 -21.50
C SER E 76 27.40 -2.94 -20.99
N SER E 77 27.19 -2.90 -19.67
CA SER E 77 25.84 -3.13 -19.06
C SER E 77 25.22 -4.43 -19.58
N THR E 78 26.02 -5.49 -19.63
CA THR E 78 25.56 -6.80 -20.18
C THR E 78 25.76 -7.90 -19.14
N ALA E 79 24.71 -8.70 -18.92
CA ALA E 79 24.79 -9.95 -18.16
C ALA E 79 24.82 -11.13 -19.15
N TYR E 80 25.51 -12.18 -18.74
CA TYR E 80 25.68 -13.39 -19.56
C TYR E 80 25.31 -14.62 -18.75
N MET E 81 24.86 -15.64 -19.48
CA MET E 81 24.67 -16.97 -18.91
C MET E 81 25.27 -17.99 -19.91
N GLN E 82 26.12 -18.81 -19.37
CA GLN E 82 26.77 -19.87 -20.16
C GLN E 82 26.32 -21.23 -19.63
N PHE E 83 26.08 -22.17 -20.55
CA PHE E 83 25.80 -23.58 -20.21
C PHE E 83 26.83 -24.44 -20.90
N SER E 84 27.26 -25.48 -20.22
CA SER E 84 28.16 -26.50 -20.77
C SER E 84 27.35 -27.79 -20.96
N SER E 85 27.90 -28.70 -21.74
CA SER E 85 27.37 -30.09 -21.88
C SER E 85 25.89 -30.03 -22.26
N LEU E 86 25.52 -29.31 -23.29
CA LEU E 86 24.10 -29.13 -23.64
C LEU E 86 23.45 -30.49 -23.97
N THR E 87 22.24 -30.67 -23.48
CA THR E 87 21.36 -31.85 -23.79
C THR E 87 19.96 -31.38 -24.15
N SER E 88 19.11 -32.31 -24.59
CA SER E 88 17.72 -32.01 -25.00
C SER E 88 17.00 -31.43 -23.80
N GLU E 89 17.39 -31.75 -22.59
CA GLU E 89 16.70 -31.20 -21.39
C GLU E 89 16.97 -29.71 -21.19
N ASP E 90 17.94 -29.18 -21.91
CA ASP E 90 18.22 -27.71 -21.89
C ASP E 90 17.40 -26.98 -22.92
N SER E 91 16.66 -27.66 -23.81
CA SER E 91 15.82 -26.99 -24.82
C SER E 91 14.73 -26.24 -24.04
N ALA E 92 14.66 -24.93 -24.17
CA ALA E 92 13.84 -24.07 -23.29
C ALA E 92 13.98 -22.62 -23.73
N ILE E 93 13.09 -21.76 -23.19
CA ILE E 93 13.27 -20.30 -23.25
C ILE E 93 13.93 -19.88 -21.93
N TYR E 94 14.99 -19.06 -22.03
CA TYR E 94 15.74 -18.54 -20.87
C TYR E 94 15.53 -17.04 -20.77
N TYR E 95 15.08 -16.57 -19.60
CA TYR E 95 14.85 -15.12 -19.37
C TYR E 95 15.93 -14.59 -18.44
N CYS E 96 16.31 -13.34 -18.69
CA CYS E 96 17.01 -12.50 -17.69
C CYS E 96 15.99 -11.50 -17.19
N ALA E 97 16.17 -11.07 -15.97
CA ALA E 97 15.32 -10.02 -15.42
C ALA E 97 16.07 -9.29 -14.31
N ARG E 98 15.75 -8.00 -14.13
CA ARG E 98 16.25 -7.20 -13.03
C ARG E 98 15.32 -7.38 -11.81
N TYR E 99 15.82 -7.30 -10.61
CA TYR E 99 14.99 -7.31 -9.41
C TYR E 99 14.82 -5.89 -8.83
N TYR E 100 13.60 -5.61 -8.44
CA TYR E 100 13.27 -4.42 -7.64
C TYR E 100 13.99 -4.51 -6.30
N GLY E 101 14.55 -3.37 -5.87
CA GLY E 101 15.15 -3.24 -4.54
C GLY E 101 16.51 -2.58 -4.63
N SER E 102 17.51 -3.22 -4.04
CA SER E 102 18.83 -2.62 -3.86
C SER E 102 19.88 -3.72 -3.82
N TRP E 103 21.03 -3.47 -3.22
CA TRP E 103 22.15 -4.46 -3.21
C TRP E 103 21.96 -5.40 -2.04
N SER E 104 21.51 -4.88 -0.91
CA SER E 104 21.50 -5.69 0.34
C SER E 104 20.12 -6.37 0.49
N TYR E 105 19.16 -6.06 -0.35
CA TYR E 105 17.78 -6.60 -0.26
C TYR E 105 17.15 -6.45 -1.62
N TYR E 106 16.28 -7.37 -1.99
CA TYR E 106 15.52 -7.27 -3.24
C TYR E 106 14.26 -8.11 -3.15
N TYR E 107 13.26 -7.79 -3.94
CA TYR E 107 11.92 -8.37 -3.69
C TYR E 107 11.40 -9.25 -4.82
N ALA E 108 11.62 -8.90 -6.08
CA ALA E 108 10.97 -9.57 -7.20
C ALA E 108 11.56 -9.07 -8.50
N MET E 109 11.49 -9.93 -9.52
CA MET E 109 11.86 -9.56 -10.88
C MET E 109 10.84 -8.61 -11.48
N ASP E 110 11.25 -7.34 -11.68
CA ASP E 110 10.32 -6.29 -12.12
C ASP E 110 10.39 -6.04 -13.63
N TYR E 111 11.55 -6.11 -14.24
CA TYR E 111 11.64 -5.91 -15.70
C TYR E 111 12.34 -7.11 -16.29
N TRP E 112 11.78 -7.62 -17.35
CA TRP E 112 12.20 -8.91 -17.93
C TRP E 112 12.69 -8.70 -19.36
N GLY E 113 13.67 -9.48 -19.74
CA GLY E 113 14.02 -9.65 -21.16
C GLY E 113 12.96 -10.38 -21.93
N GLN E 114 13.14 -10.42 -23.26
CA GLN E 114 12.20 -11.08 -24.19
C GLN E 114 12.43 -12.59 -24.26
N GLY E 115 13.48 -13.10 -23.65
CA GLY E 115 13.80 -14.53 -23.65
C GLY E 115 14.70 -14.89 -24.83
N THR E 116 15.54 -15.88 -24.56
CA THR E 116 16.38 -16.56 -25.59
C THR E 116 15.91 -18.01 -25.70
N SER E 117 15.49 -18.40 -26.89
CA SER E 117 15.11 -19.82 -27.15
C SER E 117 16.37 -20.63 -27.47
N VAL E 118 16.61 -21.70 -26.76
CA VAL E 118 17.67 -22.68 -27.06
C VAL E 118 16.98 -24.00 -27.44
N THR E 119 17.40 -24.55 -28.57
CA THR E 119 16.97 -25.89 -29.01
C THR E 119 18.23 -26.74 -29.14
N VAL E 120 18.30 -27.84 -28.46
CA VAL E 120 19.44 -28.77 -28.58
C VAL E 120 18.93 -29.99 -29.36
N SER E 121 19.57 -30.35 -30.46
CA SER E 121 19.04 -31.46 -31.31
C SER E 121 20.17 -32.35 -31.90
N ASP F 1 13.50 -28.05 -0.60
CA ASP F 1 12.97 -26.92 -1.36
C ASP F 1 11.54 -26.63 -0.90
N ILE F 2 11.17 -25.37 -0.87
CA ILE F 2 9.77 -24.95 -0.61
C ILE F 2 8.96 -25.23 -1.85
N ILE F 3 7.84 -25.93 -1.63
CA ILE F 3 6.88 -26.27 -2.70
C ILE F 3 5.71 -25.30 -2.63
N LEU F 4 5.38 -24.69 -3.76
CA LEU F 4 4.21 -23.82 -3.89
C LEU F 4 3.21 -24.50 -4.80
N THR F 5 2.01 -24.71 -4.27
CA THR F 5 0.93 -25.39 -5.01
C THR F 5 -0.18 -24.43 -5.38
N GLN F 6 -0.56 -24.37 -6.63
CA GLN F 6 -1.65 -23.51 -7.13
C GLN F 6 -2.86 -24.37 -7.56
N ASP F 7 -4.05 -23.82 -7.48
CA ASP F 7 -5.30 -24.53 -7.89
C ASP F 7 -5.66 -24.07 -9.26
N GLU F 8 -6.35 -24.89 -10.04
CA GLU F 8 -6.97 -24.49 -11.34
C GLU F 8 -8.23 -23.65 -11.10
N LEU F 9 -8.65 -22.87 -12.08
CA LEU F 9 -9.96 -22.14 -12.10
C LEU F 9 -11.09 -23.05 -12.67
N PRO F 12 -13.26 -21.54 -17.97
CA PRO F 12 -13.28 -20.22 -18.63
C PRO F 12 -14.14 -19.25 -17.80
N VAL F 13 -13.75 -17.98 -17.81
CA VAL F 13 -14.30 -16.94 -16.89
C VAL F 13 -15.03 -15.95 -17.76
N THR F 14 -16.09 -15.30 -17.27
CA THR F 14 -16.79 -14.28 -18.07
C THR F 14 -16.15 -12.93 -17.82
N SER F 15 -15.95 -12.19 -18.88
CA SER F 15 -15.46 -10.80 -18.82
C SER F 15 -16.27 -10.01 -17.79
N GLY F 16 -15.61 -9.29 -16.86
CA GLY F 16 -16.27 -8.43 -15.85
C GLY F 16 -16.47 -9.11 -14.49
N GLU F 17 -16.37 -10.41 -14.46
CA GLU F 17 -16.43 -11.16 -13.20
C GLU F 17 -15.17 -10.95 -12.39
N SER F 18 -15.24 -11.36 -11.14
CA SER F 18 -14.07 -11.36 -10.24
C SER F 18 -13.58 -12.80 -10.16
N VAL F 19 -12.26 -12.97 -10.12
CA VAL F 19 -11.65 -14.30 -9.90
C VAL F 19 -10.53 -14.16 -8.89
N SER F 20 -10.20 -15.26 -8.27
CA SER F 20 -8.99 -15.29 -7.44
C SER F 20 -8.13 -16.50 -7.79
N ILE F 21 -6.83 -16.33 -7.64
CA ILE F 21 -5.84 -17.41 -7.76
C ILE F 21 -5.33 -17.77 -6.38
N SER F 22 -5.25 -19.05 -6.09
CA SER F 22 -4.75 -19.59 -4.83
C SER F 22 -3.35 -20.14 -4.98
N CYS F 23 -2.56 -19.96 -3.96
CA CYS F 23 -1.18 -20.49 -3.83
C CYS F 23 -0.97 -20.87 -2.38
N ARG F 24 -0.48 -22.07 -2.16
CA ARG F 24 -0.15 -22.53 -0.80
C ARG F 24 1.29 -22.94 -0.81
N SER F 25 1.91 -22.67 0.31
CA SER F 25 3.33 -22.93 0.52
C SER F 25 3.53 -24.10 1.49
N SER F 26 4.58 -24.87 1.28
CA SER F 26 4.95 -26.02 2.16
C SER F 26 5.59 -25.54 3.45
N LYS F 27 5.91 -24.26 3.56
CA LYS F 27 6.64 -23.67 4.69
C LYS F 27 6.26 -22.18 4.75
N SER F 28 6.28 -21.60 5.93
CA SER F 28 6.00 -20.15 6.12
C SER F 28 6.95 -19.35 5.20
N LEU F 29 6.41 -18.32 4.54
CA LEU F 29 7.24 -17.40 3.73
C LEU F 29 7.51 -16.08 4.48
N LEU F 30 7.16 -16.02 5.76
CA LEU F 30 7.43 -14.84 6.63
C LEU F 30 8.88 -14.92 7.06
N TYR F 31 9.66 -13.90 6.75
CA TYR F 31 11.06 -13.79 7.17
C TYR F 31 11.09 -13.08 8.52
N LYS F 32 12.24 -13.21 9.19
CA LYS F 32 12.53 -12.61 10.52
C LYS F 32 12.43 -11.08 10.45
N ASP F 33 12.46 -10.44 9.27
CA ASP F 33 12.25 -8.98 9.17
C ASP F 33 10.75 -8.64 9.16
N GLY F 34 9.83 -9.60 9.29
CA GLY F 34 8.38 -9.31 9.28
C GLY F 34 7.79 -9.19 7.88
N LYS F 35 8.60 -9.41 6.85
CA LYS F 35 8.13 -9.36 5.44
C LYS F 35 7.89 -10.78 4.95
N THR F 36 6.93 -10.90 4.06
CA THR F 36 6.58 -12.20 3.43
C THR F 36 7.01 -12.16 1.96
N TYR F 37 7.97 -13.00 1.58
CA TYR F 37 8.59 -12.94 0.23
C TYR F 37 7.82 -13.81 -0.75
N LEU F 38 6.63 -13.34 -1.11
CA LEU F 38 5.71 -14.04 -2.04
C LEU F 38 5.36 -13.05 -3.15
N ASN F 39 5.61 -13.47 -4.38
CA ASN F 39 5.33 -12.70 -5.59
C ASN F 39 4.26 -13.33 -6.43
N TRP F 40 3.59 -12.52 -7.22
CA TRP F 40 2.66 -12.94 -8.26
C TRP F 40 3.08 -12.35 -9.58
N PHE F 41 3.07 -13.21 -10.59
CA PHE F 41 3.35 -12.85 -12.00
C PHE F 41 2.19 -13.29 -12.89
N LEU F 42 1.95 -12.55 -13.96
CA LEU F 42 1.10 -12.96 -15.10
C LEU F 42 1.99 -13.13 -16.33
N GLN F 43 1.90 -14.30 -16.95
CA GLN F 43 2.52 -14.50 -18.28
C GLN F 43 1.42 -14.61 -19.33
N ARG F 44 1.30 -13.58 -20.12
CA ARG F 44 0.33 -13.54 -21.25
C ARG F 44 0.89 -14.44 -22.34
N PRO F 45 0.02 -15.01 -23.19
CA PRO F 45 0.47 -15.93 -24.24
C PRO F 45 1.56 -15.30 -25.14
N GLY F 46 2.66 -16.00 -25.25
CA GLY F 46 3.82 -15.61 -26.08
C GLY F 46 4.59 -14.43 -25.51
N GLN F 47 4.38 -14.07 -24.25
CA GLN F 47 5.07 -12.89 -23.66
C GLN F 47 5.94 -13.40 -22.49
N SER F 48 6.85 -12.54 -22.06
CA SER F 48 7.63 -12.72 -20.82
C SER F 48 6.69 -12.56 -19.61
N PRO F 49 7.01 -13.16 -18.47
CA PRO F 49 6.25 -12.91 -17.23
C PRO F 49 6.24 -11.43 -16.91
N GLN F 50 5.18 -10.93 -16.30
CA GLN F 50 5.04 -9.54 -15.83
C GLN F 50 4.80 -9.60 -14.30
N LEU F 51 5.51 -8.79 -13.55
CA LEU F 51 5.30 -8.71 -12.09
C LEU F 51 3.97 -8.01 -11.82
N LEU F 52 3.21 -8.57 -10.88
CA LEU F 52 1.97 -7.91 -10.38
C LEU F 52 2.14 -7.51 -8.93
N ILE F 53 2.59 -8.42 -8.06
CA ILE F 53 2.58 -8.22 -6.60
C ILE F 53 3.94 -8.67 -6.09
N TYR F 54 4.51 -7.94 -5.13
CA TYR F 54 5.67 -8.41 -4.36
C TYR F 54 5.41 -8.22 -2.88
N LEU F 55 6.21 -8.91 -2.08
CA LEU F 55 6.08 -8.86 -0.59
C LEU F 55 4.61 -9.20 -0.24
N MET F 56 4.02 -10.14 -0.97
CA MET F 56 2.69 -10.76 -0.66
C MET F 56 1.54 -9.82 -1.03
N SER F 57 1.64 -8.51 -0.76
CA SER F 57 0.50 -7.60 -0.87
C SER F 57 0.85 -6.26 -1.47
N THR F 58 2.08 -6.04 -1.93
CA THR F 58 2.43 -4.74 -2.55
C THR F 58 2.20 -4.82 -4.04
N ARG F 59 1.35 -3.96 -4.56
CA ARG F 59 1.11 -3.88 -5.99
C ARG F 59 2.32 -3.21 -6.63
N ALA F 60 2.88 -3.79 -7.67
CA ALA F 60 4.03 -3.21 -8.40
C ALA F 60 3.62 -1.97 -9.16
N SER F 61 4.59 -1.10 -9.40
CA SER F 61 4.40 0.18 -10.12
C SER F 61 3.81 -0.14 -11.49
N GLY F 62 2.76 0.56 -11.89
CA GLY F 62 2.19 0.39 -13.23
C GLY F 62 1.12 -0.70 -13.29
N VAL F 63 0.86 -1.42 -12.20
CA VAL F 63 -0.12 -2.54 -12.25
C VAL F 63 -1.49 -1.96 -11.85
N SER F 64 -2.52 -2.40 -12.55
CA SER F 64 -3.93 -2.02 -12.30
C SER F 64 -4.30 -2.32 -10.85
N ASP F 65 -5.05 -1.41 -10.19
CA ASP F 65 -5.56 -1.68 -8.83
C ASP F 65 -6.69 -2.72 -8.90
N ARG F 66 -6.99 -3.28 -10.07
CA ARG F 66 -7.87 -4.47 -10.13
C ARG F 66 -7.18 -5.68 -9.53
N PHE F 67 -5.85 -5.67 -9.41
CA PHE F 67 -5.10 -6.80 -8.83
C PHE F 67 -4.80 -6.48 -7.40
N SER F 68 -5.02 -7.43 -6.48
CA SER F 68 -4.52 -7.24 -5.11
C SER F 68 -4.12 -8.58 -4.53
N GLY F 69 -3.11 -8.56 -3.69
CA GLY F 69 -2.59 -9.77 -3.03
C GLY F 69 -2.88 -9.77 -1.53
N SER F 70 -3.11 -10.96 -1.00
CA SER F 70 -3.21 -11.17 0.46
C SER F 70 -2.69 -12.53 0.83
N GLY F 71 -2.57 -12.78 2.11
CA GLY F 71 -2.25 -14.12 2.58
C GLY F 71 -2.11 -14.19 4.06
N SER F 72 -1.97 -15.41 4.54
CA SER F 72 -1.99 -15.68 6.02
C SER F 72 -1.35 -17.02 6.25
N GLY F 73 -0.13 -16.89 6.80
CA GLY F 73 0.96 -17.87 6.88
C GLY F 73 1.43 -18.40 5.55
N THR F 74 0.74 -19.44 5.10
CA THR F 74 1.18 -20.36 4.04
C THR F 74 0.09 -20.42 2.99
N ASP F 75 -0.94 -19.58 3.09
CA ASP F 75 -2.04 -19.51 2.11
C ASP F 75 -2.06 -18.11 1.52
N PHE F 76 -2.01 -18.03 0.22
CA PHE F 76 -1.96 -16.75 -0.50
C PHE F 76 -3.05 -16.69 -1.54
N THR F 77 -3.51 -15.49 -1.82
CA THR F 77 -4.53 -15.24 -2.82
C THR F 77 -4.23 -13.99 -3.64
N LEU F 78 -4.39 -14.11 -4.94
CA LEU F 78 -4.39 -12.96 -5.88
C LEU F 78 -5.84 -12.73 -6.28
N GLU F 79 -6.33 -11.56 -5.91
CA GLU F 79 -7.71 -11.18 -6.27
C GLU F 79 -7.68 -10.34 -7.53
N ILE F 80 -8.51 -10.70 -8.50
CA ILE F 80 -8.62 -9.94 -9.78
C ILE F 80 -10.04 -9.40 -9.87
N SER F 81 -10.22 -8.09 -9.73
CA SER F 81 -11.53 -7.43 -9.93
C SER F 81 -11.76 -7.30 -11.43
N ARG F 82 -13.01 -7.43 -11.86
CA ARG F 82 -13.44 -6.97 -13.22
C ARG F 82 -12.47 -7.52 -14.27
N VAL F 83 -12.40 -8.84 -14.43
CA VAL F 83 -11.44 -9.49 -15.36
C VAL F 83 -11.67 -8.96 -16.77
N LYS F 84 -10.57 -8.72 -17.46
CA LYS F 84 -10.56 -8.23 -18.87
C LYS F 84 -9.71 -9.15 -19.73
N ALA F 85 -9.85 -9.01 -21.06
CA ALA F 85 -9.12 -9.83 -22.07
C ALA F 85 -7.61 -9.77 -21.80
N GLU F 86 -7.11 -8.62 -21.37
CA GLU F 86 -5.65 -8.46 -21.13
C GLU F 86 -5.16 -9.28 -19.92
N ASP F 87 -6.07 -9.86 -19.13
CA ASP F 87 -5.70 -10.68 -17.95
C ASP F 87 -5.48 -12.13 -18.29
N VAL F 88 -5.79 -12.54 -19.52
CA VAL F 88 -5.65 -13.93 -19.99
C VAL F 88 -4.17 -14.33 -19.98
N GLY F 89 -3.92 -15.52 -19.46
CA GLY F 89 -2.58 -16.09 -19.43
C GLY F 89 -2.43 -17.03 -18.31
N VAL F 90 -1.20 -17.17 -17.82
CA VAL F 90 -0.90 -18.10 -16.72
C VAL F 90 -0.36 -17.23 -15.57
N TYR F 91 -0.92 -17.41 -14.39
CA TYR F 91 -0.54 -16.71 -13.15
C TYR F 91 0.38 -17.64 -12.40
N TYR F 92 1.49 -17.09 -11.92
CA TYR F 92 2.46 -17.83 -11.09
C TYR F 92 2.67 -17.11 -9.77
N CYS F 93 2.71 -17.87 -8.68
CA CYS F 93 3.28 -17.43 -7.39
C CYS F 93 4.73 -17.84 -7.32
N GLN F 94 5.50 -17.12 -6.52
CA GLN F 94 6.93 -17.41 -6.33
C GLN F 94 7.37 -17.01 -4.95
N GLN F 95 8.27 -17.75 -4.37
CA GLN F 95 8.82 -17.42 -3.04
C GLN F 95 10.30 -17.08 -3.18
N LEU F 96 10.73 -16.09 -2.41
CA LEU F 96 12.15 -15.66 -2.37
C LEU F 96 12.66 -15.76 -0.94
N VAL F 97 11.98 -16.48 -0.04
CA VAL F 97 12.44 -16.50 1.36
C VAL F 97 13.59 -17.50 1.60
N GLU F 98 13.75 -18.49 0.76
CA GLU F 98 14.74 -19.58 0.94
C GLU F 98 15.27 -19.97 -0.40
N TYR F 99 16.55 -20.28 -0.47
CA TYR F 99 17.12 -20.88 -1.67
C TYR F 99 16.70 -22.36 -1.70
N PRO F 100 16.40 -22.93 -2.86
CA PRO F 100 16.28 -22.23 -4.12
C PRO F 100 14.94 -21.50 -4.17
N TYR F 101 14.92 -20.33 -4.81
CA TYR F 101 13.68 -19.65 -5.16
C TYR F 101 12.86 -20.60 -6.02
N THR F 102 11.59 -20.68 -5.72
CA THR F 102 10.65 -21.59 -6.40
C THR F 102 9.36 -20.90 -6.79
N PHE F 103 8.77 -21.43 -7.85
CA PHE F 103 7.52 -20.95 -8.45
C PHE F 103 6.46 -22.01 -8.22
N GLY F 104 5.23 -21.57 -8.10
CA GLY F 104 4.09 -22.49 -8.23
C GLY F 104 3.99 -23.02 -9.63
N GLY F 105 3.15 -24.03 -9.86
CA GLY F 105 2.97 -24.62 -11.19
C GLY F 105 2.20 -23.80 -12.14
N GLY F 106 1.55 -22.71 -11.71
CA GLY F 106 0.83 -21.85 -12.63
C GLY F 106 -0.66 -22.11 -12.59
N THR F 107 -1.45 -21.08 -12.83
CA THR F 107 -2.91 -21.16 -12.94
C THR F 107 -3.31 -20.47 -14.22
N LYS F 108 -3.90 -21.24 -15.13
CA LYS F 108 -4.34 -20.66 -16.42
C LYS F 108 -5.66 -19.91 -16.26
N LEU F 109 -5.77 -18.73 -16.84
CA LEU F 109 -7.02 -17.93 -16.91
C LEU F 109 -7.37 -17.76 -18.38
N GLU F 110 -8.54 -18.26 -18.77
CA GLU F 110 -9.11 -18.05 -20.11
C GLU F 110 -10.44 -17.30 -19.95
N ILE F 111 -10.78 -16.48 -20.92
CA ILE F 111 -11.98 -15.59 -20.93
C ILE F 111 -12.97 -16.13 -21.97
N LYS F 112 -14.27 -15.92 -21.80
CA LYS F 112 -15.29 -16.52 -22.71
C LYS F 112 -16.00 -15.42 -23.50
C1 RBR G . 5.34 10.81 20.46
C10 RBR G . 5.70 12.60 18.67
C11 RBR G . 3.51 11.35 18.75
C12 RBR G . 2.78 12.23 19.78
C13 RBR G . 3.19 11.83 21.24
C14 RBR G . 4.71 11.72 21.51
C15 RBR G . 4.99 11.26 22.96
C16 RBR G . 4.30 12.16 23.95
C17 RBR G . 2.82 12.16 23.75
C18 RBR G . 2.01 12.89 24.84
C19 RBR G . 0.51 12.75 24.68
C2 RBR G . 6.81 10.53 20.49
C21 RBR G . 0.07 13.22 23.25
C22 RBR G . 0.97 12.54 22.20
C23 RBR G . 2.46 12.72 22.32
C24 RBR G . 2.97 14.14 22.17
C26 RBR G . -0.52 15.27 21.82
C27 RBR G . -0.38 16.78 21.87
C29 RBR G . -0.82 16.86 24.13
C3 RBR G . 7.01 9.67 19.22
C30 RBR G . -0.93 15.36 24.18
C32 RBR G . 8.64 8.63 17.45
C33 RBR G . 7.84 7.38 17.49
C34 RBR G . 6.93 7.01 16.62
C35 RBR G . 9.04 11.07 18.29
C36 RBR G . 10.53 10.87 18.41
C37 RBR G . 10.66 9.86 19.46
C38 RBR G . 9.30 9.22 19.59
C4 RBR G . 5.84 10.13 18.26
C6 RBR G . 5.54 10.48 15.88
C7 RBR G . 6.24 10.96 14.67
C9 RBR G . 5.04 11.24 18.98
N25 RBR G . -0.02 14.74 23.15
N31 RBR G . 8.33 9.72 18.42
O20 RBR G . 0.12 11.40 24.75
O28 RBR G . -1.24 17.34 22.88
O5 RBR G . 6.37 10.58 16.96
O8 RBR G . 4.45 9.99 15.85
C1 RBR H . -10.64 -17.16 12.57
C10 RBR H . -12.68 -15.86 11.56
C11 RBR H . -10.71 -16.71 10.18
C12 RBR H . -11.23 -18.13 9.89
C13 RBR H . -10.87 -19.13 11.00
C14 RBR H . -11.24 -18.57 12.39
C15 RBR H . -10.81 -19.49 13.55
C16 RBR H . -11.30 -20.93 13.32
C17 RBR H . -10.91 -21.45 11.91
C18 RBR H . -11.25 -22.93 11.71
C19 RBR H . -10.71 -23.46 10.41
C2 RBR H . -10.74 -16.47 13.95
C21 RBR H . -11.19 -22.63 9.23
C22 RBR H . -10.90 -21.14 9.46
C23 RBR H . -11.47 -20.59 10.77
C24 RBR H . -13.02 -20.57 10.77
C26 RBR H . -13.07 -22.08 7.67
C27 RBR H . -14.51 -22.39 7.34
C29 RBR H . -14.24 -24.51 8.18
C3 RBR H . -10.19 -15.05 13.63
C30 RBR H . -12.77 -24.36 8.43
C32 RBR H . -10.05 -12.57 14.22
C33 RBR H . -8.60 -12.65 13.83
C34 RBR H . -8.05 -12.14 12.78
C35 RBR H . -12.19 -13.57 14.42
C36 RBR H . -12.45 -13.05 15.85
C37 RBR H . -11.47 -13.67 16.74
C38 RBR H . -10.36 -14.26 15.87
C4 RBR H . -10.34 -14.88 12.09
C6 RBR H . -10.83 -13.09 10.49
C7 RBR H . -11.67 -11.89 10.33
C9 RBR H . -11.12 -16.11 11.54
N25 RBR H . -12.57 -22.90 8.80
N31 RBR H . -10.75 -13.91 14.40
O20 RBR H . -9.29 -23.44 10.43
O28 RBR H . -14.70 -23.77 7.05
O5 RBR H . -11.07 -13.72 11.67
O8 RBR H . -9.99 -13.50 9.70
C1 RBR I . 20.53 -12.34 1.21
C10 RBR I . 19.80 -12.51 -1.24
C11 RBR I . 20.00 -10.31 -0.05
C12 RBR I . 21.50 -10.13 -0.33
C13 RBR I . 22.45 -10.82 0.68
C14 RBR I . 22.00 -12.28 0.86
C15 RBR I . 22.90 -12.90 1.97
C16 RBR I . 24.44 -12.74 1.72
C17 RBR I . 24.78 -11.25 1.52
C18 RBR I . 26.29 -10.96 1.31
C19 RBR I . 26.61 -9.51 1.25
C2 RBR I . 19.92 -13.68 1.61
C21 RBR I . 25.79 -8.75 0.19
C22 RBR I . 24.31 -9.08 0.31
C23 RBR I . 23.96 -10.61 0.37
C24 RBR I . 24.28 -11.29 -0.97
C26 RBR I . 25.64 -8.25 -2.25
C27 RBR I . 26.21 -8.69 -3.56
C29 RBR I . 28.39 -8.87 -2.61
C3 RBR I . 18.44 -13.39 1.67
C30 RBR I . 27.83 -8.52 -1.25
C32 RBR I . 16.00 -14.19 1.68
C33 RBR I . 15.76 -13.26 2.79
C34 RBR I . 15.14 -12.16 2.63
C35 RBR I . 17.62 -15.32 0.14
C36 RBR I . 17.27 -16.76 0.43
C37 RBR I . 17.89 -16.91 1.74
C38 RBR I . 17.78 -15.58 2.48
C4 RBR I . 18.22 -12.15 0.71
C6 RBR I . 16.49 -11.38 -0.78
C7 RBR I . 15.50 -11.85 -1.78
C9 RBR I . 19.61 -11.79 0.12
N25 RBR I . 26.40 -8.96 -1.18
N31 RBR I . 17.41 -14.44 1.39
O20 RBR I . 26.17 -8.93 2.46
O28 RBR I . 27.60 -8.25 -3.60
O5 RBR I . 17.21 -12.40 -0.28
O8 RBR I . 16.71 -10.24 -0.39
#